data_6E1J
#
_entry.id   6E1J
#
_cell.length_a   71.749
_cell.length_b   90.277
_cell.length_c   93.975
_cell.angle_alpha   90.00
_cell.angle_beta   107.75
_cell.angle_gamma   90.00
#
_symmetry.space_group_name_H-M   'P 1 21 1'
#
loop_
_entity.id
_entity.type
_entity.pdbx_description
1 polymer '2-isopropylmalate synthase, A genome specific 1'
2 non-polymer 'MANGANESE (II) ION'
3 non-polymer '4-(METHYLSULFANYL)-2-OXOBUTANOIC ACID'
4 non-polymer 'COENZYME A'
5 water water
#
_entity_poly.entity_id   1
_entity_poly.type   'polypeptide(L)'
_entity_poly.pdbx_seq_one_letter_code
;MASSLLTSSGIIPTTGSNMVVRSFLPFGSVRLTRPYNNSSLLISCCSSVSKNAETSGTDLKTIVERWPEYIPNKLPDKNY
VRVFDTTLRDGEQSPGAALTPPQKIEIARQLAKLRVDIMEVGFPVSSEEEFETIQTIAKTVGNEVDEETGYIPVICVIAR
SKERDIKAAWESVKYAKRPRIVIFTSTSDIHLKYKLKMTREEVVDMVASSIRFAKSLGFEDIEFGCEDGGRSDKDYICTV
FEEAIKAGATTLACPDTVGINMPHEYGKLVRYIKANTPGIDDVIFSAHCHNDLGVATANTIAGICAGARQVEVTINGIGE
RSGNAPLEEVVMALKCRGAFVMGGVYTRIDTRQIMATSKMVQEYTGLYVQPHKPIVGANCFVHESGIHQDGILKNRSTYE
IISPEDVGVVKSQNSGIVLGKLSGRHAVKGRLKELGYEISDEKLNEVFSRFRDLTKQKKRVTDDDLKALVTCGDEIFSSD
KLNGTDDNEINSNGYVPAPQISSVV
;
_entity_poly.pdbx_strand_id   A,B
#
loop_
_chem_comp.id
_chem_comp.type
_chem_comp.name
_chem_comp.formula
COA non-polymer 'COENZYME A' 'C21 H36 N7 O16 P3 S'
KMT non-polymer '4-(METHYLSULFANYL)-2-OXOBUTANOIC ACID' 'C5 H8 O3 S'
MN non-polymer 'MANGANESE (II) ION' 'Mn 2'
#
# COMPACT_ATOMS: atom_id res chain seq x y z
N VAL A 64 11.18 14.99 -27.18
CA VAL A 64 10.51 14.44 -26.00
C VAL A 64 10.61 15.43 -24.83
N GLU A 65 11.18 16.62 -25.08
CA GLU A 65 11.17 17.63 -24.04
C GLU A 65 9.93 18.52 -24.08
N ARG A 66 9.37 18.78 -25.26
CA ARG A 66 8.16 19.57 -25.34
C ARG A 66 6.93 18.71 -25.06
N TRP A 67 6.01 19.25 -24.26
CA TRP A 67 4.75 18.58 -24.04
C TRP A 67 3.90 18.60 -25.31
N PRO A 68 3.17 17.52 -25.60
CA PRO A 68 2.31 17.49 -26.78
C PRO A 68 1.17 18.50 -26.66
N GLU A 69 0.58 18.83 -27.81
CA GLU A 69 -0.64 19.62 -27.81
C GLU A 69 -1.76 18.88 -27.07
N TYR A 70 -2.58 19.63 -26.37
CA TYR A 70 -3.61 19.03 -25.53
C TYR A 70 -4.91 18.94 -26.31
N ILE A 71 -5.40 17.71 -26.47
CA ILE A 71 -6.71 17.46 -27.07
C ILE A 71 -7.45 16.62 -26.04
N PRO A 72 -8.67 17.02 -25.63
CA PRO A 72 -9.33 16.31 -24.52
C PRO A 72 -9.44 14.80 -24.70
N ASN A 73 -9.83 14.33 -25.89
CA ASN A 73 -10.14 12.92 -26.06
C ASN A 73 -9.04 12.10 -26.74
N LYS A 74 -7.89 12.71 -27.09
CA LYS A 74 -6.83 12.00 -27.79
C LYS A 74 -5.49 12.20 -27.11
N LEU A 75 -4.58 11.26 -27.35
CA LEU A 75 -3.22 11.31 -26.83
C LEU A 75 -2.23 11.19 -27.98
N PRO A 76 -0.99 11.69 -27.82
CA PRO A 76 -0.08 11.74 -28.97
C PRO A 76 0.52 10.39 -29.34
N ASP A 77 0.47 9.39 -28.47
CA ASP A 77 0.95 8.06 -28.81
C ASP A 77 0.26 7.05 -27.91
N LYS A 78 0.46 5.76 -28.22
CA LYS A 78 -0.23 4.68 -27.53
C LYS A 78 0.28 4.44 -26.11
N ASN A 79 1.36 5.11 -25.69
CA ASN A 79 2.00 4.82 -24.40
C ASN A 79 1.89 5.96 -23.38
N TYR A 80 1.53 7.16 -23.80
CA TYR A 80 1.35 8.27 -22.88
C TYR A 80 0.22 7.99 -21.89
N VAL A 81 0.52 8.16 -20.60
CA VAL A 81 -0.46 8.01 -19.53
C VAL A 81 -0.59 9.35 -18.83
N ARG A 82 -1.80 9.93 -18.89
CA ARG A 82 -2.08 11.19 -18.22
C ARG A 82 -2.16 10.97 -16.72
N VAL A 83 -1.50 11.83 -15.96
CA VAL A 83 -1.58 11.77 -14.50
C VAL A 83 -2.56 12.84 -14.03
N PHE A 84 -3.61 12.39 -13.36
CA PHE A 84 -4.72 13.18 -12.87
C PHE A 84 -4.60 13.20 -11.35
N ASP A 85 -4.06 14.28 -10.78
CA ASP A 85 -3.92 14.35 -9.34
C ASP A 85 -5.20 14.91 -8.71
N THR A 86 -5.71 14.21 -7.70
CA THR A 86 -6.91 14.68 -7.02
CA THR A 86 -6.93 14.57 -6.98
C THR A 86 -6.62 14.89 -5.53
N THR A 87 -5.37 15.24 -5.23
CA THR A 87 -4.99 15.54 -3.85
C THR A 87 -5.87 16.62 -3.27
N LEU A 88 -6.20 17.65 -4.06
CA LEU A 88 -6.93 18.78 -3.56
C LEU A 88 -8.44 18.57 -3.56
N ARG A 89 -8.91 17.37 -3.91
CA ARG A 89 -10.35 17.13 -3.78
C ARG A 89 -10.62 15.76 -3.16
N ASP A 90 -10.31 14.65 -3.83
CA ASP A 90 -10.51 13.36 -3.17
C ASP A 90 -9.56 13.23 -1.99
N GLY A 91 -8.35 13.75 -2.11
CA GLY A 91 -7.41 13.67 -0.99
C GLY A 91 -7.86 14.48 0.20
N GLU A 92 -8.38 15.69 -0.05
CA GLU A 92 -8.85 16.54 1.04
C GLU A 92 -10.03 15.90 1.79
N GLN A 93 -10.82 15.05 1.13
CA GLN A 93 -11.90 14.34 1.80
C GLN A 93 -11.41 13.37 2.87
N SER A 94 -10.11 13.18 3.04
CA SER A 94 -9.63 12.37 4.16
C SER A 94 -10.11 12.98 5.47
N PRO A 95 -10.62 12.17 6.41
CA PRO A 95 -10.94 12.72 7.73
C PRO A 95 -9.75 13.48 8.30
N GLY A 96 -9.97 14.76 8.61
CA GLY A 96 -8.94 15.59 9.21
C GLY A 96 -8.02 16.30 8.24
N ALA A 97 -8.21 16.15 6.92
CA ALA A 97 -7.26 16.70 5.96
C ALA A 97 -7.70 18.04 5.37
N ALA A 98 -8.77 18.66 5.86
CA ALA A 98 -9.29 19.88 5.27
C ALA A 98 -8.23 20.99 5.24
N LEU A 99 -8.16 21.71 4.11
CA LEU A 99 -7.09 22.66 3.85
C LEU A 99 -7.65 24.08 3.78
N THR A 100 -6.83 25.05 4.17
CA THR A 100 -7.17 26.45 3.99
C THR A 100 -6.98 26.86 2.53
N PRO A 101 -7.59 27.97 2.10
CA PRO A 101 -7.40 28.42 0.70
C PRO A 101 -5.94 28.66 0.36
N PRO A 102 -5.16 29.36 1.21
CA PRO A 102 -3.73 29.51 0.86
C PRO A 102 -3.00 28.18 0.81
N GLN A 103 -3.39 27.20 1.62
CA GLN A 103 -2.76 25.88 1.51
C GLN A 103 -3.11 25.22 0.19
N LYS A 104 -4.38 25.27 -0.21
CA LYS A 104 -4.78 24.72 -1.51
C LYS A 104 -4.02 25.38 -2.65
N ILE A 105 -3.99 26.72 -2.65
CA ILE A 105 -3.32 27.43 -3.74
C ILE A 105 -1.85 27.03 -3.82
N GLU A 106 -1.18 26.98 -2.66
CA GLU A 106 0.24 26.65 -2.68
C GLU A 106 0.46 25.21 -3.16
N ILE A 107 -0.41 24.29 -2.77
CA ILE A 107 -0.27 22.91 -3.23
C ILE A 107 -0.53 22.84 -4.74
N ALA A 108 -1.51 23.61 -5.24
CA ALA A 108 -1.76 23.63 -6.68
C ALA A 108 -0.53 24.11 -7.44
N ARG A 109 0.11 25.16 -6.95
CA ARG A 109 1.32 25.65 -7.62
C ARG A 109 2.41 24.60 -7.59
N GLN A 110 2.49 23.83 -6.49
CA GLN A 110 3.50 22.79 -6.40
C GLN A 110 3.16 21.61 -7.31
N LEU A 111 1.87 21.29 -7.46
CA LEU A 111 1.49 20.23 -8.39
C LEU A 111 1.85 20.59 -9.81
N ALA A 112 1.83 21.89 -10.15
CA ALA A 112 2.23 22.28 -11.50
C ALA A 112 3.72 22.05 -11.70
N LYS A 113 4.53 22.30 -10.66
CA LYS A 113 5.96 21.98 -10.73
C LYS A 113 6.19 20.48 -10.82
N LEU A 114 5.36 19.68 -10.16
CA LEU A 114 5.44 18.24 -10.33
C LEU A 114 5.07 17.80 -11.76
N ARG A 115 4.46 18.70 -12.55
CA ARG A 115 4.04 18.46 -13.94
C ARG A 115 2.90 17.46 -14.07
N VAL A 116 1.96 17.43 -13.12
CA VAL A 116 0.76 16.61 -13.33
C VAL A 116 0.06 17.10 -14.59
N ASP A 117 -0.62 16.18 -15.30
CA ASP A 117 -1.32 16.60 -16.50
C ASP A 117 -2.61 17.34 -16.15
N ILE A 118 -3.30 16.86 -15.12
CA ILE A 118 -4.54 17.45 -14.65
C ILE A 118 -4.47 17.52 -13.14
N MET A 119 -4.94 18.62 -12.56
CA MET A 119 -5.14 18.68 -11.10
C MET A 119 -6.61 18.95 -10.86
N GLU A 120 -7.26 18.10 -10.08
CA GLU A 120 -8.65 18.31 -9.67
C GLU A 120 -8.60 19.09 -8.36
N VAL A 121 -9.09 20.33 -8.35
CA VAL A 121 -8.74 21.23 -7.25
C VAL A 121 -9.87 21.44 -6.26
N GLY A 122 -11.03 20.83 -6.46
CA GLY A 122 -12.06 20.94 -5.45
C GLY A 122 -13.45 20.71 -6.01
N PHE A 123 -14.43 20.99 -5.15
CA PHE A 123 -15.85 20.67 -5.35
C PHE A 123 -16.60 21.99 -5.23
N PRO A 124 -16.73 22.75 -6.32
CA PRO A 124 -17.12 24.17 -6.18
C PRO A 124 -18.52 24.40 -5.62
N VAL A 125 -19.47 23.47 -5.81
CA VAL A 125 -20.78 23.70 -5.20
C VAL A 125 -20.71 23.62 -3.69
N SER A 126 -19.62 23.06 -3.14
CA SER A 126 -19.59 22.70 -1.73
C SER A 126 -19.72 23.91 -0.82
N SER A 127 -19.08 25.02 -1.17
CA SER A 127 -19.13 26.19 -0.30
C SER A 127 -18.67 27.39 -1.10
N GLU A 128 -19.01 28.58 -0.60
CA GLU A 128 -18.52 29.79 -1.23
C GLU A 128 -16.99 29.84 -1.17
N GLU A 129 -16.40 29.38 -0.07
CA GLU A 129 -14.94 29.42 0.06
C GLU A 129 -14.27 28.52 -0.97
N GLU A 130 -14.81 27.31 -1.17
CA GLU A 130 -14.25 26.43 -2.18
C GLU A 130 -14.37 27.05 -3.57
N PHE A 131 -15.53 27.65 -3.85
CA PHE A 131 -15.75 28.33 -5.13
C PHE A 131 -14.68 29.38 -5.40
N GLU A 132 -14.40 30.22 -4.40
CA GLU A 132 -13.44 31.31 -4.61
C GLU A 132 -12.01 30.80 -4.73
N THR A 133 -11.65 29.79 -3.93
CA THR A 133 -10.32 29.21 -4.04
C THR A 133 -10.08 28.66 -5.43
N ILE A 134 -11.08 27.95 -5.97
CA ILE A 134 -10.97 27.37 -7.29
C ILE A 134 -10.82 28.44 -8.35
N GLN A 135 -11.63 29.50 -8.26
CA GLN A 135 -11.46 30.63 -9.17
C GLN A 135 -10.04 31.16 -9.16
N THR A 136 -9.47 31.38 -7.97
CA THR A 136 -8.11 31.91 -7.89
C THR A 136 -7.14 30.97 -8.57
N ILE A 137 -7.20 29.67 -8.24
CA ILE A 137 -6.30 28.72 -8.87
C ILE A 137 -6.45 28.75 -10.39
N ALA A 138 -7.71 28.76 -10.86
CA ALA A 138 -7.93 28.72 -12.29
C ALA A 138 -7.38 29.98 -12.96
N LYS A 139 -7.52 31.13 -12.28
CA LYS A 139 -7.04 32.39 -12.87
C LYS A 139 -5.52 32.48 -12.85
N THR A 140 -4.86 31.81 -11.90
CA THR A 140 -3.42 32.00 -11.75
C THR A 140 -2.68 30.78 -12.29
N VAL A 141 -2.65 29.71 -11.50
CA VAL A 141 -2.01 28.46 -11.93
C VAL A 141 -2.60 27.99 -13.25
N GLY A 142 -3.91 28.13 -13.43
CA GLY A 142 -4.56 27.69 -14.65
C GLY A 142 -4.19 28.48 -15.89
N ASN A 143 -3.43 29.56 -15.73
CA ASN A 143 -3.04 30.36 -16.88
C ASN A 143 -1.53 30.53 -16.99
N GLU A 144 -0.74 29.74 -16.26
CA GLU A 144 0.71 29.87 -16.25
C GLU A 144 1.28 28.79 -17.16
N VAL A 145 1.73 29.20 -18.34
CA VAL A 145 2.31 28.31 -19.34
C VAL A 145 3.82 28.36 -19.22
N ASP A 146 4.48 27.20 -19.32
CA ASP A 146 5.93 27.20 -19.54
C ASP A 146 6.18 27.23 -21.05
N GLU A 147 6.57 28.41 -21.56
CA GLU A 147 6.65 28.60 -23.00
C GLU A 147 7.67 27.66 -23.65
N GLU A 148 8.77 27.37 -22.95
CA GLU A 148 9.84 26.60 -23.58
C GLU A 148 9.42 25.15 -23.81
N THR A 149 8.52 24.61 -22.98
CA THR A 149 8.09 23.22 -23.11
C THR A 149 6.64 23.06 -23.52
N GLY A 150 5.83 24.11 -23.40
CA GLY A 150 4.42 24.00 -23.72
C GLY A 150 3.56 23.47 -22.59
N TYR A 151 4.14 23.25 -21.41
CA TYR A 151 3.41 22.65 -20.30
C TYR A 151 2.45 23.65 -19.67
N ILE A 152 1.20 23.25 -19.53
CA ILE A 152 0.24 23.96 -18.69
C ILE A 152 -0.72 22.93 -18.14
N PRO A 153 -1.05 22.97 -16.85
CA PRO A 153 -1.95 21.94 -16.30
C PRO A 153 -3.39 22.18 -16.74
N VAL A 154 -4.15 21.09 -16.78
CA VAL A 154 -5.60 21.17 -16.83
C VAL A 154 -6.11 21.39 -15.41
N ILE A 155 -7.02 22.34 -15.24
CA ILE A 155 -7.67 22.57 -13.95
C ILE A 155 -9.02 21.89 -14.00
N CYS A 156 -9.28 20.97 -13.07
CA CYS A 156 -10.50 20.17 -13.09
C CYS A 156 -11.28 20.39 -11.80
N VAL A 157 -12.62 20.37 -11.91
CA VAL A 157 -13.50 20.45 -10.75
C VAL A 157 -14.54 19.34 -10.87
N ILE A 158 -15.10 18.95 -9.73
CA ILE A 158 -16.03 17.83 -9.69
C ILE A 158 -17.43 18.35 -9.44
N ALA A 159 -18.42 17.62 -9.96
CA ALA A 159 -19.82 17.96 -9.78
C ALA A 159 -20.66 16.69 -9.77
N ARG A 160 -21.67 16.65 -8.90
CA ARG A 160 -22.69 15.62 -9.07
C ARG A 160 -23.41 15.86 -10.39
N SER A 161 -24.16 14.86 -10.85
CA SER A 161 -25.00 15.03 -12.04
C SER A 161 -26.25 15.84 -11.67
N LYS A 162 -26.02 17.12 -11.35
CA LYS A 162 -27.05 18.07 -10.94
C LYS A 162 -26.70 19.44 -11.50
N GLU A 163 -27.73 20.18 -11.95
CA GLU A 163 -27.48 21.43 -12.66
C GLU A 163 -26.77 22.45 -11.78
N ARG A 164 -27.17 22.55 -10.50
CA ARG A 164 -26.50 23.49 -9.59
C ARG A 164 -25.01 23.20 -9.50
N ASP A 165 -24.65 21.92 -9.34
CA ASP A 165 -23.24 21.53 -9.23
C ASP A 165 -22.45 21.91 -10.49
N ILE A 166 -23.04 21.65 -11.66
CA ILE A 166 -22.34 21.86 -12.93
C ILE A 166 -22.28 23.35 -13.25
N LYS A 167 -23.33 24.10 -12.93
CA LYS A 167 -23.26 25.55 -13.05
C LYS A 167 -22.15 26.10 -12.17
N ALA A 168 -22.05 25.62 -10.92
CA ALA A 168 -20.96 26.05 -10.05
C ALA A 168 -19.61 25.64 -10.61
N ALA A 169 -19.52 24.45 -11.19
CA ALA A 169 -18.27 24.03 -11.83
C ALA A 169 -17.85 25.02 -12.91
N TRP A 170 -18.75 25.30 -13.86
CA TRP A 170 -18.40 26.19 -14.96
C TRP A 170 -18.01 27.57 -14.44
N GLU A 171 -18.79 28.14 -13.53
CA GLU A 171 -18.52 29.50 -13.10
C GLU A 171 -17.21 29.61 -12.31
N SER A 172 -16.70 28.50 -11.79
CA SER A 172 -15.46 28.58 -11.04
C SER A 172 -14.20 28.31 -11.88
N VAL A 173 -14.24 27.41 -12.88
CA VAL A 173 -13.00 27.04 -13.60
CA VAL A 173 -13.04 26.98 -13.60
C VAL A 173 -12.92 27.60 -15.00
N LYS A 174 -13.96 28.29 -15.48
CA LYS A 174 -13.93 28.78 -16.86
C LYS A 174 -12.72 29.65 -17.14
N TYR A 175 -12.16 30.28 -16.12
CA TYR A 175 -11.02 31.16 -16.31
C TYR A 175 -9.76 30.40 -16.72
N ALA A 176 -9.70 29.10 -16.44
CA ALA A 176 -8.49 28.35 -16.72
C ALA A 176 -8.30 28.22 -18.23
N LYS A 177 -7.03 28.15 -18.66
CA LYS A 177 -6.76 27.94 -20.08
C LYS A 177 -7.28 26.60 -20.56
N ARG A 178 -7.21 25.57 -19.71
CA ARG A 178 -7.72 24.22 -20.01
C ARG A 178 -8.61 23.77 -18.87
N PRO A 179 -9.89 24.17 -18.87
CA PRO A 179 -10.81 23.71 -17.83
C PRO A 179 -11.41 22.35 -18.16
N ARG A 180 -11.57 21.53 -17.13
CA ARG A 180 -12.26 20.26 -17.30
C ARG A 180 -13.25 20.10 -16.15
N ILE A 181 -14.34 19.37 -16.38
CA ILE A 181 -15.28 19.02 -15.32
C ILE A 181 -15.36 17.50 -15.22
N VAL A 182 -15.47 17.00 -13.99
CA VAL A 182 -15.82 15.61 -13.73
C VAL A 182 -17.24 15.58 -13.22
N ILE A 183 -18.12 14.89 -13.93
CA ILE A 183 -19.48 14.58 -13.48
C ILE A 183 -19.47 13.12 -13.06
N PHE A 184 -20.02 12.82 -11.89
CA PHE A 184 -20.09 11.44 -11.42
C PHE A 184 -21.51 11.11 -10.99
N THR A 185 -21.90 9.87 -11.24
CA THR A 185 -23.19 9.33 -10.83
C THR A 185 -22.99 7.86 -10.50
N SER A 186 -23.59 7.40 -9.41
CA SER A 186 -23.47 5.99 -9.04
C SER A 186 -24.15 5.10 -10.05
N THR A 187 -23.64 3.88 -10.20
CA THR A 187 -24.24 2.90 -11.07
C THR A 187 -24.42 1.53 -10.42
N SER A 188 -23.97 1.33 -9.19
CA SER A 188 -24.11 0.02 -8.57
C SER A 188 -25.52 -0.16 -8.02
N ASP A 189 -25.94 -1.42 -7.88
CA ASP A 189 -27.25 -1.71 -7.32
C ASP A 189 -27.38 -1.21 -5.89
N ILE A 190 -26.30 -1.29 -5.12
CA ILE A 190 -26.33 -0.83 -3.73
C ILE A 190 -26.56 0.68 -3.67
N HIS A 191 -25.84 1.45 -4.49
CA HIS A 191 -26.00 2.90 -4.42
C HIS A 191 -27.37 3.34 -4.95
N LEU A 192 -27.80 2.76 -6.08
CA LEU A 192 -29.10 3.13 -6.64
C LEU A 192 -30.24 2.81 -5.69
N LYS A 193 -30.14 1.68 -4.97
CA LYS A 193 -31.18 1.28 -4.04
C LYS A 193 -31.16 2.14 -2.78
N TYR A 194 -30.00 2.34 -2.17
CA TYR A 194 -29.92 2.92 -0.83
C TYR A 194 -29.52 4.39 -0.81
N LYS A 195 -28.70 4.86 -1.76
CA LYS A 195 -28.24 6.25 -1.76
C LYS A 195 -29.09 7.16 -2.65
N LEU A 196 -29.15 6.86 -3.96
CA LEU A 196 -29.91 7.71 -4.89
C LEU A 196 -31.40 7.42 -4.86
N LYS A 197 -31.77 6.20 -4.51
CA LYS A 197 -33.14 5.71 -4.64
C LYS A 197 -33.65 5.94 -6.05
N MET A 198 -32.85 5.53 -7.04
CA MET A 198 -33.21 5.73 -8.44
C MET A 198 -33.14 4.42 -9.21
N THR A 199 -33.91 4.32 -10.29
CA THR A 199 -33.82 3.17 -11.18
C THR A 199 -32.69 3.36 -12.18
N ARG A 200 -32.33 2.26 -12.85
CA ARG A 200 -31.29 2.33 -13.88
C ARG A 200 -31.67 3.29 -14.99
N GLU A 201 -32.96 3.35 -15.35
CA GLU A 201 -33.39 4.24 -16.42
C GLU A 201 -33.30 5.70 -15.99
N GLU A 202 -33.65 5.99 -14.73
CA GLU A 202 -33.44 7.34 -14.21
C GLU A 202 -31.97 7.74 -14.28
N VAL A 203 -31.07 6.82 -13.92
CA VAL A 203 -29.65 7.18 -13.85
C VAL A 203 -29.11 7.47 -15.25
N VAL A 204 -29.40 6.61 -16.23
CA VAL A 204 -28.95 6.87 -17.60
C VAL A 204 -29.41 8.23 -18.08
N ASP A 205 -30.68 8.57 -17.84
CA ASP A 205 -31.18 9.87 -18.27
C ASP A 205 -30.46 10.99 -17.53
N MET A 206 -30.17 10.78 -16.24
CA MET A 206 -29.49 11.82 -15.48
C MET A 206 -28.07 12.05 -15.98
N VAL A 207 -27.32 10.96 -16.23
CA VAL A 207 -25.98 11.07 -16.82
C VAL A 207 -26.03 11.85 -18.11
N ALA A 208 -26.88 11.41 -19.05
CA ALA A 208 -26.91 12.01 -20.37
C ALA A 208 -27.25 13.50 -20.31
N SER A 209 -28.35 13.85 -19.62
CA SER A 209 -28.75 15.26 -19.63
CA SER A 209 -28.78 15.25 -19.60
C SER A 209 -27.78 16.13 -18.86
N SER A 210 -27.06 15.57 -17.87
CA SER A 210 -26.09 16.38 -17.14
CA SER A 210 -26.08 16.35 -17.14
C SER A 210 -24.88 16.70 -18.00
N ILE A 211 -24.42 15.74 -18.81
CA ILE A 211 -23.29 16.00 -19.71
C ILE A 211 -23.70 16.98 -20.81
N ARG A 212 -24.91 16.84 -21.36
CA ARG A 212 -25.38 17.84 -22.31
C ARG A 212 -25.43 19.22 -21.67
N PHE A 213 -25.92 19.29 -20.43
CA PHE A 213 -25.98 20.56 -19.73
C PHE A 213 -24.59 21.16 -19.54
N ALA A 214 -23.64 20.36 -19.05
CA ALA A 214 -22.27 20.83 -18.94
C ALA A 214 -21.79 21.38 -20.27
N LYS A 215 -22.11 20.69 -21.36
CA LYS A 215 -21.66 21.12 -22.68
C LYS A 215 -22.30 22.45 -23.08
N SER A 216 -23.57 22.66 -22.72
CA SER A 216 -24.25 23.91 -23.08
C SER A 216 -23.69 25.11 -22.34
N LEU A 217 -23.01 24.89 -21.22
CA LEU A 217 -22.44 26.02 -20.49
C LEU A 217 -21.10 26.47 -21.05
N GLY A 218 -20.43 25.62 -21.82
CA GLY A 218 -19.12 25.98 -22.33
C GLY A 218 -18.06 24.91 -22.11
N PHE A 219 -18.40 23.83 -21.42
CA PHE A 219 -17.43 22.75 -21.18
C PHE A 219 -17.22 21.92 -22.44
N GLU A 220 -15.95 21.82 -22.86
CA GLU A 220 -15.58 20.95 -23.97
CA GLU A 220 -15.55 20.98 -23.98
C GLU A 220 -14.81 19.73 -23.51
N ASP A 221 -14.21 19.78 -22.33
CA ASP A 221 -13.37 18.76 -21.73
C ASP A 221 -14.18 18.16 -20.57
N ILE A 222 -14.84 17.04 -20.81
CA ILE A 222 -15.81 16.50 -19.86
C ILE A 222 -15.42 15.06 -19.55
N GLU A 223 -15.24 14.77 -18.28
CA GLU A 223 -15.00 13.42 -17.80
C GLU A 223 -16.24 12.93 -17.06
N PHE A 224 -16.69 11.73 -17.37
CA PHE A 224 -17.76 11.11 -16.59
C PHE A 224 -17.23 9.92 -15.80
N GLY A 225 -17.58 9.83 -14.51
CA GLY A 225 -17.24 8.69 -13.70
C GLY A 225 -18.45 7.93 -13.14
N CYS A 226 -18.47 6.60 -13.27
CA CYS A 226 -19.57 5.82 -12.70
C CYS A 226 -19.21 5.45 -11.27
N GLU A 227 -19.75 6.19 -10.31
CA GLU A 227 -19.44 5.92 -8.91
C GLU A 227 -19.81 4.48 -8.54
N ASP A 228 -18.94 3.84 -7.77
CA ASP A 228 -19.08 2.42 -7.39
C ASP A 228 -19.09 1.51 -8.63
N GLY A 229 -18.29 1.86 -9.64
CA GLY A 229 -18.20 0.98 -10.80
C GLY A 229 -17.62 -0.38 -10.46
N GLY A 230 -16.80 -0.45 -9.41
CA GLY A 230 -16.23 -1.72 -8.97
C GLY A 230 -17.25 -2.71 -8.47
N ARG A 231 -18.50 -2.28 -8.24
CA ARG A 231 -19.58 -3.16 -7.84
C ARG A 231 -20.77 -3.04 -8.78
N SER A 232 -20.56 -2.51 -9.97
CA SER A 232 -21.64 -2.33 -10.92
C SER A 232 -21.62 -3.47 -11.94
N ASP A 233 -22.78 -3.73 -12.53
CA ASP A 233 -22.86 -4.71 -13.60
C ASP A 233 -22.11 -4.20 -14.83
N LYS A 234 -21.23 -5.04 -15.39
CA LYS A 234 -20.34 -4.61 -16.46
C LYS A 234 -21.11 -4.12 -17.69
N ASP A 235 -22.24 -4.74 -18.00
CA ASP A 235 -23.00 -4.33 -19.17
C ASP A 235 -23.76 -3.03 -18.93
N TYR A 236 -24.18 -2.80 -17.69
CA TYR A 236 -24.83 -1.53 -17.38
C TYR A 236 -23.84 -0.38 -17.47
N ILE A 237 -22.59 -0.59 -17.04
CA ILE A 237 -21.56 0.43 -17.22
C ILE A 237 -21.40 0.78 -18.70
N CYS A 238 -21.30 -0.25 -19.54
CA CYS A 238 -21.18 -0.01 -20.98
C CYS A 238 -22.37 0.80 -21.49
N THR A 239 -23.57 0.47 -21.03
CA THR A 239 -24.76 1.22 -21.44
C THR A 239 -24.63 2.69 -21.02
N VAL A 240 -24.24 2.93 -19.76
CA VAL A 240 -24.12 4.29 -19.25
C VAL A 240 -22.98 5.02 -19.96
N PHE A 241 -21.84 4.37 -20.13
CA PHE A 241 -20.72 5.01 -20.81
C PHE A 241 -21.09 5.38 -22.24
N GLU A 242 -21.86 4.53 -22.91
CA GLU A 242 -22.18 4.81 -24.30
C GLU A 242 -23.05 6.06 -24.44
N GLU A 243 -24.00 6.25 -23.52
CA GLU A 243 -24.78 7.48 -23.48
C GLU A 243 -23.94 8.69 -23.05
N ALA A 244 -22.95 8.46 -22.19
CA ALA A 244 -22.07 9.55 -21.80
C ALA A 244 -21.24 10.02 -22.98
N ILE A 245 -20.72 9.09 -23.78
CA ILE A 245 -19.95 9.45 -24.96
C ILE A 245 -20.81 10.25 -25.92
N LYS A 246 -22.00 9.74 -26.23
CA LYS A 246 -22.91 10.45 -27.13
C LYS A 246 -23.22 11.86 -26.62
N ALA A 247 -23.36 12.01 -25.30
CA ALA A 247 -23.68 13.31 -24.73
C ALA A 247 -22.50 14.26 -24.79
N GLY A 248 -21.27 13.74 -24.87
CA GLY A 248 -20.11 14.61 -25.01
C GLY A 248 -18.92 14.36 -24.10
N ALA A 249 -18.95 13.28 -23.31
CA ALA A 249 -17.79 12.94 -22.49
C ALA A 249 -16.56 12.65 -23.34
N THR A 250 -15.42 13.19 -22.92
CA THR A 250 -14.14 12.96 -23.59
C THR A 250 -13.19 12.11 -22.77
N THR A 251 -13.45 11.92 -21.49
CA THR A 251 -12.76 10.94 -20.66
C THR A 251 -13.84 10.21 -19.86
N LEU A 252 -13.61 8.93 -19.60
CA LEU A 252 -14.54 8.11 -18.83
C LEU A 252 -13.74 7.42 -17.75
N ALA A 253 -14.18 7.56 -16.50
CA ALA A 253 -13.52 6.89 -15.39
C ALA A 253 -14.43 5.80 -14.85
N CYS A 254 -13.85 4.64 -14.53
CA CYS A 254 -14.57 3.57 -13.85
C CYS A 254 -13.98 3.41 -12.46
N PRO A 255 -14.47 4.13 -11.46
CA PRO A 255 -13.81 4.09 -10.14
C PRO A 255 -14.18 2.87 -9.34
N ASP A 256 -13.18 2.32 -8.64
CA ASP A 256 -13.47 1.38 -7.58
C ASP A 256 -13.62 2.19 -6.29
N THR A 257 -14.75 2.90 -6.24
CA THR A 257 -15.06 3.85 -5.16
C THR A 257 -14.84 3.23 -3.80
N VAL A 258 -15.22 1.97 -3.60
CA VAL A 258 -15.20 1.37 -2.28
C VAL A 258 -13.99 0.44 -2.09
N GLY A 259 -13.09 0.38 -3.06
CA GLY A 259 -11.86 -0.37 -2.85
C GLY A 259 -12.04 -1.86 -2.66
N ILE A 260 -13.00 -2.45 -3.36
CA ILE A 260 -13.26 -3.88 -3.19
C ILE A 260 -12.56 -4.74 -4.23
N ASN A 261 -12.10 -4.16 -5.35
CA ASN A 261 -11.56 -4.97 -6.44
C ASN A 261 -10.16 -5.47 -6.14
N MET A 262 -9.88 -6.67 -6.62
CA MET A 262 -8.54 -7.20 -6.79
C MET A 262 -8.01 -6.82 -8.17
N PRO A 263 -6.69 -6.84 -8.37
CA PRO A 263 -6.14 -6.28 -9.63
C PRO A 263 -6.56 -7.04 -10.86
N HIS A 264 -6.58 -8.37 -10.82
CA HIS A 264 -7.00 -9.11 -12.01
C HIS A 264 -8.46 -8.81 -12.33
N GLU A 265 -9.26 -8.54 -11.31
CA GLU A 265 -10.68 -8.25 -11.47
C GLU A 265 -10.89 -6.84 -12.04
N TYR A 266 -10.15 -5.85 -11.53
CA TYR A 266 -10.29 -4.51 -12.09
C TYR A 266 -9.77 -4.46 -13.52
N GLY A 267 -8.69 -5.17 -13.80
CA GLY A 267 -8.20 -5.24 -15.17
C GLY A 267 -9.20 -5.88 -16.11
N LYS A 268 -9.77 -7.03 -15.71
CA LYS A 268 -10.80 -7.68 -16.53
C LYS A 268 -11.97 -6.74 -16.80
N LEU A 269 -12.42 -6.00 -15.78
CA LEU A 269 -13.52 -5.06 -15.94
C LEU A 269 -13.19 -3.98 -16.97
N VAL A 270 -11.98 -3.43 -16.90
CA VAL A 270 -11.57 -2.38 -17.83
C VAL A 270 -11.48 -2.93 -19.25
N ARG A 271 -10.88 -4.12 -19.42
CA ARG A 271 -10.84 -4.73 -20.75
C ARG A 271 -12.25 -4.94 -21.31
N TYR A 272 -13.15 -5.44 -20.48
CA TYR A 272 -14.51 -5.70 -20.95
C TYR A 272 -15.18 -4.41 -21.38
N ILE A 273 -15.08 -3.37 -20.56
CA ILE A 273 -15.72 -2.11 -20.92
C ILE A 273 -15.15 -1.59 -22.23
N LYS A 274 -13.83 -1.66 -22.39
CA LYS A 274 -13.22 -1.11 -23.58
C LYS A 274 -13.55 -1.90 -24.82
N ALA A 275 -13.92 -3.18 -24.69
CA ALA A 275 -14.26 -3.99 -25.84
C ALA A 275 -15.74 -3.96 -26.19
N ASN A 276 -16.60 -3.48 -25.29
CA ASN A 276 -18.04 -3.63 -25.45
C ASN A 276 -18.82 -2.32 -25.41
N THR A 277 -18.15 -1.17 -25.40
CA THR A 277 -18.85 0.10 -25.32
C THR A 277 -18.71 0.80 -26.66
N PRO A 278 -19.80 1.01 -27.41
CA PRO A 278 -19.66 1.68 -28.71
C PRO A 278 -19.06 3.08 -28.54
N GLY A 279 -18.08 3.40 -29.39
CA GLY A 279 -17.46 4.70 -29.40
C GLY A 279 -16.32 4.88 -28.41
N ILE A 280 -16.05 3.91 -27.55
CA ILE A 280 -15.08 4.15 -26.47
C ILE A 280 -13.64 4.25 -26.98
N ASP A 281 -13.38 3.86 -28.22
CA ASP A 281 -12.05 4.02 -28.78
C ASP A 281 -11.65 5.49 -28.95
N ASP A 282 -12.60 6.42 -28.91
CA ASP A 282 -12.29 7.83 -29.17
C ASP A 282 -12.41 8.69 -27.92
N VAL A 283 -12.36 8.07 -26.74
CA VAL A 283 -12.29 8.78 -25.47
C VAL A 283 -11.17 8.14 -24.68
N ILE A 284 -10.69 8.86 -23.65
CA ILE A 284 -9.64 8.37 -22.78
C ILE A 284 -10.30 7.64 -21.62
N PHE A 285 -9.81 6.43 -21.32
CA PHE A 285 -10.26 5.69 -20.16
C PHE A 285 -9.36 5.95 -18.96
N SER A 286 -9.99 6.19 -17.81
CA SER A 286 -9.26 6.59 -16.60
C SER A 286 -9.50 5.60 -15.49
N ALA A 287 -8.42 5.11 -14.88
CA ALA A 287 -8.52 4.33 -13.64
C ALA A 287 -8.57 5.23 -12.42
N HIS A 288 -9.40 4.85 -11.44
CA HIS A 288 -9.56 5.61 -10.19
C HIS A 288 -9.84 4.59 -9.09
N CYS A 289 -8.82 4.30 -8.28
CA CYS A 289 -8.87 3.14 -7.38
C CYS A 289 -8.61 3.54 -5.93
N HIS A 290 -9.38 2.97 -5.00
CA HIS A 290 -9.21 3.21 -3.58
C HIS A 290 -8.56 2.00 -2.92
N ASN A 291 -8.06 2.21 -1.70
CA ASN A 291 -7.04 1.36 -1.12
C ASN A 291 -7.53 0.48 0.02
N ASP A 292 -8.83 0.19 0.09
CA ASP A 292 -9.40 -0.43 1.29
C ASP A 292 -8.82 -1.80 1.58
N LEU A 293 -8.33 -2.50 0.57
CA LEU A 293 -7.68 -3.79 0.76
C LEU A 293 -6.20 -3.73 0.40
N GLY A 294 -5.63 -2.52 0.30
CA GLY A 294 -4.21 -2.37 0.06
C GLY A 294 -3.74 -2.57 -1.37
N VAL A 295 -4.64 -2.56 -2.37
CA VAL A 295 -4.21 -2.83 -3.74
C VAL A 295 -4.53 -1.67 -4.69
N ALA A 296 -4.69 -0.44 -4.18
CA ALA A 296 -5.03 0.68 -5.06
C ALA A 296 -3.96 0.90 -6.14
N THR A 297 -2.67 0.91 -5.74
CA THR A 297 -1.61 1.10 -6.72
C THR A 297 -1.62 0.00 -7.77
N ALA A 298 -1.75 -1.25 -7.33
CA ALA A 298 -1.78 -2.37 -8.27
C ALA A 298 -3.01 -2.32 -9.18
N ASN A 299 -4.17 -2.01 -8.62
CA ASN A 299 -5.37 -1.90 -9.46
C ASN A 299 -5.18 -0.84 -10.52
N THR A 300 -4.52 0.26 -10.16
CA THR A 300 -4.23 1.31 -11.14
C THR A 300 -3.34 0.77 -12.27
N ILE A 301 -2.38 -0.09 -11.92
CA ILE A 301 -1.48 -0.62 -12.94
C ILE A 301 -2.19 -1.65 -13.80
N ALA A 302 -3.08 -2.44 -13.20
CA ALA A 302 -3.89 -3.34 -14.00
C ALA A 302 -4.84 -2.57 -14.92
N GLY A 303 -5.40 -1.48 -14.42
CA GLY A 303 -6.13 -0.57 -15.30
C GLY A 303 -5.32 -0.20 -16.52
N ILE A 304 -4.07 0.25 -16.31
CA ILE A 304 -3.23 0.69 -17.43
C ILE A 304 -2.99 -0.47 -18.39
N CYS A 305 -2.56 -1.61 -17.85
CA CYS A 305 -2.33 -2.77 -18.70
C CYS A 305 -3.59 -3.14 -19.49
N ALA A 306 -4.76 -2.86 -18.93
CA ALA A 306 -6.03 -3.13 -19.58
C ALA A 306 -6.46 -2.04 -20.56
N GLY A 307 -5.73 -0.93 -20.66
CA GLY A 307 -6.04 0.10 -21.65
C GLY A 307 -6.35 1.48 -21.11
N ALA A 308 -6.44 1.67 -19.79
CA ALA A 308 -6.59 3.00 -19.23
C ALA A 308 -5.36 3.84 -19.56
N ARG A 309 -5.59 5.10 -19.94
CA ARG A 309 -4.48 5.98 -20.25
C ARG A 309 -4.60 7.29 -19.47
N GLN A 310 -5.37 7.26 -18.39
CA GLN A 310 -5.35 8.28 -17.36
C GLN A 310 -5.44 7.54 -16.04
N VAL A 311 -4.68 8.03 -15.05
CA VAL A 311 -4.72 7.47 -13.70
C VAL A 311 -5.03 8.60 -12.74
N GLU A 312 -5.93 8.32 -11.79
CA GLU A 312 -6.31 9.31 -10.79
C GLU A 312 -5.66 8.92 -9.48
N VAL A 313 -4.82 9.83 -8.97
CA VAL A 313 -3.92 9.53 -7.87
C VAL A 313 -3.95 10.69 -6.88
N THR A 314 -3.41 10.45 -5.68
CA THR A 314 -3.20 11.51 -4.71
C THR A 314 -1.79 11.42 -4.14
N ILE A 315 -1.24 12.57 -3.78
CA ILE A 315 0.05 12.60 -3.09
C ILE A 315 -0.08 11.89 -1.75
N ASN A 316 0.89 11.03 -1.45
CA ASN A 316 0.92 10.23 -0.22
C ASN A 316 -0.23 9.23 -0.16
N GLY A 317 -1.05 9.16 -1.21
CA GLY A 317 -2.17 8.25 -1.15
C GLY A 317 -3.30 8.65 -0.22
N ILE A 318 -3.34 9.92 0.22
CA ILE A 318 -4.43 10.34 1.10
C ILE A 318 -5.74 10.34 0.33
N GLY A 319 -6.84 10.26 1.06
CA GLY A 319 -8.15 10.07 0.45
C GLY A 319 -9.10 9.46 1.47
N GLU A 320 -10.31 9.16 1.00
CA GLU A 320 -11.33 8.54 1.85
C GLU A 320 -10.83 7.21 2.44
N ARG A 321 -11.13 7.01 3.72
CA ARG A 321 -10.90 5.74 4.41
C ARG A 321 -9.43 5.36 4.40
N SER A 322 -9.05 4.41 3.56
CA SER A 322 -7.65 4.01 3.45
C SER A 322 -6.93 4.70 2.30
N GLY A 323 -7.61 5.61 1.60
CA GLY A 323 -6.95 6.52 0.69
C GLY A 323 -7.11 6.14 -0.77
N ASN A 324 -6.47 6.94 -1.62
CA ASN A 324 -6.43 6.76 -3.06
C ASN A 324 -5.14 6.07 -3.45
N ALA A 325 -4.98 5.85 -4.75
CA ALA A 325 -3.72 5.34 -5.30
C ALA A 325 -2.64 6.39 -5.10
N PRO A 326 -1.54 6.10 -4.41
CA PRO A 326 -0.49 7.11 -4.23
C PRO A 326 0.14 7.49 -5.57
N LEU A 327 0.20 8.80 -5.82
CA LEU A 327 0.83 9.29 -7.04
C LEU A 327 2.26 8.78 -7.16
N GLU A 328 3.06 8.96 -6.12
CA GLU A 328 4.48 8.61 -6.18
C GLU A 328 4.68 7.13 -6.49
N GLU A 329 3.80 6.26 -5.98
CA GLU A 329 3.97 4.83 -6.23
C GLU A 329 3.62 4.49 -7.67
N VAL A 330 2.49 4.99 -8.17
CA VAL A 330 2.12 4.73 -9.55
C VAL A 330 3.18 5.28 -10.50
N VAL A 331 3.60 6.52 -10.27
CA VAL A 331 4.56 7.18 -11.16
C VAL A 331 5.90 6.46 -11.13
N MET A 332 6.39 6.12 -9.94
CA MET A 332 7.70 5.47 -9.89
C MET A 332 7.63 4.03 -10.37
N ALA A 333 6.49 3.36 -10.17
CA ALA A 333 6.34 2.03 -10.77
C ALA A 333 6.49 2.11 -12.29
N LEU A 334 5.87 3.11 -12.90
CA LEU A 334 6.01 3.29 -14.34
C LEU A 334 7.43 3.70 -14.71
N LYS A 335 8.02 4.59 -13.94
CA LYS A 335 9.40 4.98 -14.22
C LYS A 335 10.33 3.76 -14.19
N CYS A 336 10.19 2.89 -13.20
CA CYS A 336 11.14 1.79 -13.06
C CYS A 336 10.85 0.65 -14.01
N ARG A 337 9.58 0.32 -14.22
CA ARG A 337 9.19 -0.92 -14.86
C ARG A 337 8.41 -0.76 -16.15
N GLY A 338 7.97 0.45 -16.48
CA GLY A 338 7.04 0.59 -17.59
C GLY A 338 7.62 0.12 -18.91
N ALA A 339 8.88 0.46 -19.18
CA ALA A 339 9.50 0.07 -20.43
C ALA A 339 9.83 -1.41 -20.50
N PHE A 340 9.95 -2.09 -19.36
CA PHE A 340 10.44 -3.46 -19.35
C PHE A 340 9.33 -4.50 -19.29
N VAL A 341 8.26 -4.25 -18.52
CA VAL A 341 7.20 -5.24 -18.37
C VAL A 341 5.84 -4.62 -18.59
N MET A 342 5.79 -3.35 -19.04
CA MET A 342 4.51 -2.69 -19.27
C MET A 342 4.40 -2.08 -20.67
N GLY A 343 5.20 -2.58 -21.62
CA GLY A 343 5.06 -2.19 -23.02
C GLY A 343 5.41 -0.76 -23.36
N GLY A 344 6.02 -0.01 -22.45
CA GLY A 344 6.46 1.32 -22.77
C GLY A 344 5.60 2.45 -22.24
N VAL A 345 4.56 2.17 -21.45
CA VAL A 345 3.75 3.25 -20.91
C VAL A 345 4.62 4.15 -20.06
N TYR A 346 4.28 5.43 -20.02
CA TYR A 346 5.13 6.40 -19.34
C TYR A 346 4.30 7.61 -18.95
N THR A 347 4.81 8.36 -17.98
CA THR A 347 4.27 9.65 -17.63
C THR A 347 5.33 10.72 -17.81
N ARG A 348 4.89 11.98 -17.80
CA ARG A 348 5.78 13.13 -17.91
C ARG A 348 5.95 13.86 -16.57
N ILE A 349 5.71 13.19 -15.46
CA ILE A 349 5.91 13.79 -14.14
C ILE A 349 7.38 14.06 -13.93
N ASP A 350 7.71 15.24 -13.38
CA ASP A 350 9.06 15.52 -12.89
C ASP A 350 9.22 14.87 -11.52
N THR A 351 9.75 13.64 -11.50
CA THR A 351 9.78 12.89 -10.25
C THR A 351 10.66 13.56 -9.19
N ARG A 352 11.60 14.44 -9.59
CA ARG A 352 12.42 15.10 -8.58
C ARG A 352 11.60 16.01 -7.66
N GLN A 353 10.35 16.33 -8.01
CA GLN A 353 9.48 17.17 -7.20
C GLN A 353 8.59 16.36 -6.27
N ILE A 354 8.75 15.03 -6.24
CA ILE A 354 7.87 14.20 -5.45
C ILE A 354 8.02 14.51 -3.96
N MET A 355 9.27 14.56 -3.47
CA MET A 355 9.47 14.72 -2.03
C MET A 355 9.02 16.09 -1.55
N ALA A 356 9.33 17.15 -2.31
CA ALA A 356 8.85 18.48 -1.93
C ALA A 356 7.34 18.50 -1.87
N THR A 357 6.69 17.84 -2.80
CA THR A 357 5.23 17.82 -2.81
C THR A 357 4.71 16.98 -1.64
N SER A 358 5.35 15.84 -1.39
CA SER A 358 4.92 14.98 -0.30
C SER A 358 4.99 15.72 1.03
N LYS A 359 6.11 16.40 1.30
CA LYS A 359 6.27 17.11 2.56
C LYS A 359 5.25 18.24 2.70
N MET A 360 5.00 18.96 1.62
CA MET A 360 4.04 20.06 1.70
C MET A 360 2.65 19.53 2.05
N VAL A 361 2.19 18.49 1.35
CA VAL A 361 0.86 17.96 1.58
C VAL A 361 0.74 17.40 3.00
N GLN A 362 1.80 16.73 3.47
CA GLN A 362 1.81 16.21 4.82
C GLN A 362 1.67 17.33 5.85
N GLU A 363 2.42 18.40 5.66
CA GLU A 363 2.35 19.50 6.61
C GLU A 363 0.99 20.19 6.58
N TYR A 364 0.40 20.37 5.40
CA TYR A 364 -0.83 21.15 5.36
C TYR A 364 -2.05 20.31 5.71
N THR A 365 -2.11 19.06 5.27
CA THR A 365 -3.23 18.22 5.65
C THR A 365 -3.13 17.77 7.09
N GLY A 366 -1.90 17.60 7.60
CA GLY A 366 -1.70 17.02 8.92
C GLY A 366 -1.61 15.51 8.92
N LEU A 367 -1.79 14.87 7.78
CA LEU A 367 -1.67 13.42 7.67
C LEU A 367 -0.23 13.08 7.33
N TYR A 368 0.51 12.55 8.30
CA TYR A 368 1.90 12.20 8.12
C TYR A 368 2.03 10.72 7.76
N VAL A 369 3.03 10.41 6.93
CA VAL A 369 3.18 9.05 6.43
C VAL A 369 4.00 8.24 7.42
N GLN A 370 3.71 6.93 7.49
CA GLN A 370 4.43 6.04 8.38
C GLN A 370 5.87 5.85 7.91
N PRO A 371 6.76 5.41 8.82
CA PRO A 371 8.16 5.24 8.42
C PRO A 371 8.37 4.38 7.19
N HIS A 372 7.50 3.40 6.92
CA HIS A 372 7.68 2.51 5.80
C HIS A 372 6.80 2.86 4.60
N LYS A 373 6.25 4.08 4.56
CA LYS A 373 5.52 4.53 3.39
C LYS A 373 6.43 4.46 2.15
N PRO A 374 6.00 3.81 1.06
CA PRO A 374 6.86 3.72 -0.12
C PRO A 374 7.31 5.07 -0.68
N ILE A 375 8.54 5.08 -1.23
CA ILE A 375 9.13 6.21 -1.95
C ILE A 375 9.49 7.35 -1.01
N VAL A 376 8.54 7.79 -0.17
CA VAL A 376 8.70 9.01 0.61
C VAL A 376 8.78 8.76 2.10
N GLY A 377 8.69 7.50 2.55
CA GLY A 377 8.83 7.23 3.96
C GLY A 377 10.26 7.46 4.45
N ALA A 378 10.39 7.60 5.76
CA ALA A 378 11.70 7.86 6.34
C ALA A 378 12.65 6.67 6.24
N ASN A 379 12.14 5.44 6.10
CA ASN A 379 12.99 4.25 6.08
C ASN A 379 13.34 3.74 4.69
N CYS A 380 12.89 4.42 3.63
CA CYS A 380 12.98 3.82 2.30
C CYS A 380 14.42 3.64 1.84
N PHE A 381 15.32 4.51 2.27
CA PHE A 381 16.72 4.45 1.84
C PHE A 381 17.66 4.26 3.02
N VAL A 382 17.21 3.50 4.01
CA VAL A 382 17.91 3.33 5.29
C VAL A 382 17.99 1.84 5.61
N HIS A 383 19.12 1.41 6.15
CA HIS A 383 19.44 -0.01 6.34
C HIS A 383 20.06 -0.22 7.71
N GLU A 384 19.40 -1.05 8.53
CA GLU A 384 19.88 -1.36 9.87
C GLU A 384 20.32 -2.81 10.05
N SER A 385 19.87 -3.72 9.20
CA SER A 385 20.23 -5.12 9.36
C SER A 385 21.58 -5.42 8.74
N GLY A 386 22.38 -6.22 9.45
CA GLY A 386 23.79 -6.37 9.09
C GLY A 386 24.00 -6.84 7.67
N ILE A 387 23.24 -7.85 7.24
CA ILE A 387 23.43 -8.40 5.91
C ILE A 387 23.00 -7.42 4.83
N HIS A 388 21.93 -6.66 5.07
CA HIS A 388 21.54 -5.63 4.10
C HIS A 388 22.55 -4.49 4.06
N GLN A 389 23.06 -4.10 5.23
CA GLN A 389 24.12 -3.09 5.29
C GLN A 389 25.36 -3.54 4.55
N ASP A 390 25.81 -4.77 4.82
CA ASP A 390 26.96 -5.31 4.12
C ASP A 390 26.75 -5.32 2.61
N GLY A 391 25.55 -5.71 2.17
CA GLY A 391 25.25 -5.65 0.74
C GLY A 391 25.30 -4.23 0.21
N ILE A 392 24.69 -3.28 0.93
CA ILE A 392 24.64 -1.91 0.44
C ILE A 392 26.05 -1.32 0.35
N LEU A 393 26.88 -1.58 1.36
CA LEU A 393 28.24 -1.05 1.32
C LEU A 393 29.06 -1.68 0.21
N LYS A 394 28.74 -2.92 -0.18
CA LYS A 394 29.44 -3.50 -1.32
C LYS A 394 28.97 -2.89 -2.62
N ASN A 395 27.68 -2.61 -2.73
CA ASN A 395 27.12 -2.06 -3.95
C ASN A 395 25.65 -1.77 -3.73
N ARG A 396 25.24 -0.51 -3.93
CA ARG A 396 23.90 -0.09 -3.51
C ARG A 396 22.81 -0.88 -4.20
N SER A 397 23.04 -1.32 -5.45
CA SER A 397 21.97 -2.02 -6.15
C SER A 397 21.64 -3.38 -5.56
N THR A 398 22.45 -3.90 -4.61
CA THR A 398 22.05 -5.16 -3.96
C THR A 398 20.69 -5.04 -3.29
N TYR A 399 20.37 -3.86 -2.74
CA TYR A 399 19.14 -3.71 -1.97
C TYR A 399 18.38 -2.41 -2.23
N GLU A 400 18.81 -1.57 -3.18
CA GLU A 400 18.07 -0.37 -3.55
C GLU A 400 17.80 -0.38 -5.05
N ILE A 401 16.53 -0.24 -5.41
CA ILE A 401 16.15 -0.20 -6.82
C ILE A 401 15.91 1.20 -7.33
N ILE A 402 15.93 2.21 -6.47
CA ILE A 402 15.63 3.59 -6.83
C ILE A 402 16.76 4.47 -6.32
N SER A 403 17.14 5.48 -7.10
CA SER A 403 18.08 6.48 -6.62
C SER A 403 17.33 7.58 -5.89
N PRO A 404 17.65 7.86 -4.62
CA PRO A 404 16.84 8.83 -3.85
C PRO A 404 16.76 10.22 -4.45
N GLU A 405 17.78 10.66 -5.20
CA GLU A 405 17.69 11.98 -5.83
C GLU A 405 16.71 11.99 -6.97
N ASP A 406 16.36 10.82 -7.53
CA ASP A 406 15.36 10.79 -8.57
C ASP A 406 14.00 11.21 -8.05
N VAL A 407 13.77 11.12 -6.75
CA VAL A 407 12.47 11.45 -6.16
C VAL A 407 12.56 12.65 -5.24
N GLY A 408 13.69 13.35 -5.21
CA GLY A 408 13.87 14.55 -4.40
C GLY A 408 14.47 14.34 -3.03
N VAL A 409 14.92 13.14 -2.68
CA VAL A 409 15.52 12.84 -1.39
C VAL A 409 17.01 13.17 -1.41
N VAL A 410 17.49 13.78 -0.33
CA VAL A 410 18.93 13.94 -0.15
C VAL A 410 19.55 12.58 0.22
N LYS A 411 20.81 12.39 -0.16
CA LYS A 411 21.39 11.04 -0.26
C LYS A 411 21.68 10.34 1.07
N SER A 412 21.10 10.83 2.16
CA SER A 412 21.08 10.12 3.45
C SER A 412 22.40 10.23 4.21
N GLN A 413 22.28 10.42 5.52
CA GLN A 413 23.43 10.45 6.42
C GLN A 413 24.14 9.09 6.43
N ASN A 414 25.48 9.13 6.36
CA ASN A 414 26.33 7.94 6.53
C ASN A 414 25.94 6.80 5.57
N SER A 415 25.71 7.16 4.30
CA SER A 415 25.35 6.20 3.25
C SER A 415 24.07 5.44 3.58
N GLY A 416 23.23 6.00 4.47
CA GLY A 416 22.01 5.36 4.91
C GLY A 416 22.20 4.16 5.81
N ILE A 417 23.40 3.99 6.38
CA ILE A 417 23.70 2.89 7.30
C ILE A 417 23.45 3.39 8.73
N VAL A 418 22.44 2.85 9.41
CA VAL A 418 22.13 3.19 10.80
C VAL A 418 22.38 1.97 11.67
N LEU A 419 22.91 2.20 12.86
CA LEU A 419 23.42 1.12 13.70
C LEU A 419 22.45 0.85 14.83
N GLY A 420 22.10 -0.42 15.00
CA GLY A 420 21.19 -0.85 16.05
C GLY A 420 21.38 -2.32 16.36
N LYS A 421 20.39 -2.90 17.03
CA LYS A 421 20.48 -4.26 17.54
C LYS A 421 20.90 -5.26 16.45
N LEU A 422 20.41 -5.09 15.23
CA LEU A 422 20.58 -6.11 14.20
C LEU A 422 21.70 -5.78 13.21
N SER A 423 22.50 -4.75 13.46
CA SER A 423 23.59 -4.40 12.56
C SER A 423 24.73 -5.40 12.67
N GLY A 424 25.61 -5.37 11.67
CA GLY A 424 26.73 -6.27 11.58
C GLY A 424 28.08 -5.55 11.54
N ARG A 425 29.14 -6.36 11.49
CA ARG A 425 30.49 -5.85 11.66
C ARG A 425 30.90 -4.94 10.52
N HIS A 426 30.49 -5.28 9.28
CA HIS A 426 30.87 -4.42 8.16
C HIS A 426 30.30 -3.02 8.35
N ALA A 427 29.07 -2.94 8.87
CA ALA A 427 28.48 -1.63 9.12
C ALA A 427 29.26 -0.88 10.18
N VAL A 428 29.61 -1.56 11.26
CA VAL A 428 30.33 -0.88 12.34
C VAL A 428 31.73 -0.47 11.85
N LYS A 429 32.41 -1.37 11.14
CA LYS A 429 33.72 -1.05 10.60
C LYS A 429 33.67 0.14 9.65
N GLY A 430 32.68 0.16 8.76
CA GLY A 430 32.56 1.29 7.84
C GLY A 430 32.24 2.60 8.54
N ARG A 431 31.37 2.57 9.55
CA ARG A 431 31.06 3.81 10.25
C ARG A 431 32.26 4.31 11.03
N LEU A 432 33.05 3.38 11.59
CA LEU A 432 34.29 3.77 12.27
C LEU A 432 35.30 4.38 11.30
N LYS A 433 35.45 3.79 10.11
CA LYS A 433 36.35 4.35 9.11
C LYS A 433 35.97 5.79 8.75
N GLU A 434 34.66 6.04 8.60
CA GLU A 434 34.16 7.39 8.38
C GLU A 434 34.61 8.35 9.47
N LEU A 435 34.75 7.86 10.69
CA LEU A 435 35.16 8.70 11.81
C LEU A 435 36.67 8.78 11.96
N GLY A 436 37.43 8.17 11.05
CA GLY A 436 38.87 8.23 11.08
C GLY A 436 39.57 7.11 11.82
N TYR A 437 38.85 6.03 12.17
CA TYR A 437 39.42 4.90 12.91
C TYR A 437 39.59 3.72 11.97
N GLU A 438 40.83 3.29 11.80
CA GLU A 438 41.16 2.01 11.20
C GLU A 438 41.66 1.12 12.32
N ILE A 439 41.01 -0.04 12.52
CA ILE A 439 41.35 -0.92 13.62
C ILE A 439 41.53 -2.35 13.12
N SER A 440 42.27 -3.14 13.89
CA SER A 440 42.50 -4.53 13.52
C SER A 440 41.20 -5.34 13.61
N ASP A 441 41.24 -6.55 13.05
CA ASP A 441 40.05 -7.40 13.11
C ASP A 441 39.77 -7.83 14.55
N GLU A 442 40.84 -8.08 15.31
CA GLU A 442 40.66 -8.39 16.72
C GLU A 442 39.98 -7.24 17.46
N LYS A 443 40.50 -6.03 17.28
CA LYS A 443 39.88 -4.86 17.91
C LYS A 443 38.43 -4.68 17.46
N LEU A 444 38.15 -4.95 16.18
CA LEU A 444 36.76 -4.83 15.71
C LEU A 444 35.84 -5.80 16.43
N ASN A 445 36.29 -7.05 16.63
CA ASN A 445 35.43 -8.03 17.29
C ASN A 445 35.18 -7.64 18.75
N GLU A 446 36.20 -7.12 19.42
CA GLU A 446 36.03 -6.60 20.77
C GLU A 446 35.04 -5.44 20.77
N VAL A 447 35.22 -4.51 19.85
CA VAL A 447 34.27 -3.41 19.72
C VAL A 447 32.88 -3.95 19.45
N PHE A 448 32.79 -5.01 18.64
CA PHE A 448 31.47 -5.49 18.24
C PHE A 448 30.73 -6.12 19.41
N SER A 449 31.43 -6.90 20.24
CA SER A 449 30.82 -7.43 21.45
C SER A 449 30.25 -6.33 22.33
N ARG A 450 31.01 -5.25 22.51
CA ARG A 450 30.51 -4.16 23.34
C ARG A 450 29.35 -3.44 22.66
N PHE A 451 29.38 -3.36 21.32
CA PHE A 451 28.24 -2.87 20.55
C PHE A 451 26.99 -3.70 20.85
N ARG A 452 27.11 -5.03 20.81
CA ARG A 452 25.96 -5.88 21.08
C ARG A 452 25.39 -5.61 22.46
N ASP A 453 26.26 -5.38 23.44
CA ASP A 453 25.79 -5.03 24.78
C ASP A 453 25.13 -3.66 24.77
N LEU A 454 25.71 -2.70 24.05
CA LEU A 454 25.18 -1.34 24.11
C LEU A 454 23.79 -1.24 23.51
N THR A 455 23.47 -2.06 22.50
CA THR A 455 22.14 -1.96 21.91
C THR A 455 21.04 -2.46 22.83
N LYS A 456 21.37 -3.14 23.92
CA LYS A 456 20.34 -3.43 24.92
C LYS A 456 19.96 -2.22 25.75
N GLN A 457 20.83 -1.20 25.80
CA GLN A 457 20.57 0.00 26.58
C GLN A 457 20.22 1.21 25.75
N LYS A 458 20.52 1.20 24.45
CA LYS A 458 20.39 2.38 23.61
C LYS A 458 19.97 1.91 22.23
N LYS A 459 18.80 2.34 21.78
CA LYS A 459 18.23 1.74 20.57
C LYS A 459 19.00 2.12 19.31
N ARG A 460 19.61 3.31 19.30
CA ARG A 460 20.30 3.82 18.11
C ARG A 460 21.69 4.27 18.52
N VAL A 461 22.71 3.61 17.95
CA VAL A 461 24.10 3.85 18.29
C VAL A 461 24.65 4.96 17.40
N THR A 462 25.20 6.00 18.01
CA THR A 462 25.60 7.21 17.30
C THR A 462 27.13 7.27 17.12
N ASP A 463 27.56 8.23 16.31
CA ASP A 463 28.99 8.48 16.16
C ASP A 463 29.65 8.69 17.52
N ASP A 464 28.99 9.45 18.39
CA ASP A 464 29.53 9.64 19.74
C ASP A 464 29.64 8.31 20.48
N ASP A 465 28.62 7.45 20.36
CA ASP A 465 28.70 6.13 20.98
C ASP A 465 29.88 5.34 20.43
N LEU A 466 30.04 5.35 19.09
CA LEU A 466 31.14 4.62 18.49
C LEU A 466 32.49 5.10 19.01
N LYS A 467 32.65 6.42 19.19
CA LYS A 467 33.89 6.94 19.74
C LYS A 467 34.17 6.36 21.11
N ALA A 468 33.14 6.30 21.97
CA ALA A 468 33.31 5.67 23.27
C ALA A 468 33.67 4.20 23.12
N LEU A 469 33.01 3.51 22.18
CA LEU A 469 33.21 2.07 22.04
C LEU A 469 34.63 1.73 21.62
N VAL A 470 35.19 2.49 20.69
CA VAL A 470 36.50 2.14 20.16
C VAL A 470 37.63 2.59 21.08
N THR A 471 37.35 3.44 22.06
CA THR A 471 38.36 3.93 22.98
C THR A 471 38.24 3.35 24.38
N CYS A 472 37.37 2.36 24.58
CA CYS A 472 37.26 1.69 25.88
C CYS A 472 38.57 1.05 26.31
N GLU B 65 -13.99 -26.70 12.20
CA GLU B 65 -13.67 -26.03 13.46
C GLU B 65 -12.38 -26.57 14.07
N ARG B 66 -12.20 -27.89 14.05
CA ARG B 66 -10.95 -28.48 14.49
C ARG B 66 -9.85 -28.22 13.45
N TRP B 67 -8.63 -28.02 13.93
CA TRP B 67 -7.53 -27.64 13.04
C TRP B 67 -7.04 -28.87 12.25
N PRO B 68 -6.66 -28.69 10.99
CA PRO B 68 -6.11 -29.82 10.22
C PRO B 68 -4.79 -30.28 10.82
N GLU B 69 -4.49 -31.57 10.64
CA GLU B 69 -3.18 -32.04 11.06
C GLU B 69 -2.11 -31.34 10.22
N TYR B 70 -0.92 -31.21 10.80
CA TYR B 70 0.19 -30.47 10.17
C TYR B 70 1.15 -31.47 9.54
N ILE B 71 1.25 -31.42 8.20
CA ILE B 71 2.28 -32.12 7.46
C ILE B 71 3.08 -31.06 6.72
N PRO B 72 4.40 -31.00 6.88
CA PRO B 72 5.15 -29.82 6.43
C PRO B 72 4.98 -29.53 4.95
N ASN B 73 4.83 -30.56 4.10
CA ASN B 73 4.86 -30.38 2.65
C ASN B 73 3.49 -30.56 1.99
N LYS B 74 2.43 -30.72 2.77
CA LYS B 74 1.11 -31.03 2.21
C LYS B 74 0.06 -30.21 2.94
N LEU B 75 -1.04 -29.93 2.24
CA LEU B 75 -2.13 -29.13 2.75
C LEU B 75 -3.45 -29.89 2.61
N PRO B 76 -4.41 -29.66 3.50
CA PRO B 76 -5.60 -30.51 3.51
C PRO B 76 -6.44 -30.43 2.24
N ASP B 77 -6.35 -29.33 1.50
CA ASP B 77 -7.12 -29.17 0.27
C ASP B 77 -6.40 -28.13 -0.60
N LYS B 78 -6.99 -27.83 -1.76
CA LYS B 78 -6.35 -26.98 -2.75
C LYS B 78 -6.51 -25.50 -2.47
N ASN B 79 -7.28 -25.12 -1.45
CA ASN B 79 -7.56 -23.72 -1.19
C ASN B 79 -6.91 -23.18 0.08
N TYR B 80 -6.50 -24.05 1.01
CA TYR B 80 -5.83 -23.59 2.22
C TYR B 80 -4.60 -22.77 1.84
N VAL B 81 -4.46 -21.58 2.44
CA VAL B 81 -3.27 -20.75 2.31
C VAL B 81 -2.68 -20.60 3.71
N ARG B 82 -1.44 -21.07 3.87
CA ARG B 82 -0.76 -20.90 5.15
C ARG B 82 -0.34 -19.44 5.32
N VAL B 83 -0.61 -18.87 6.48
CA VAL B 83 -0.16 -17.53 6.80
C VAL B 83 1.11 -17.65 7.64
N PHE B 84 2.22 -17.15 7.08
CA PHE B 84 3.55 -17.23 7.66
C PHE B 84 3.91 -15.82 8.10
N ASP B 85 3.90 -15.57 9.41
CA ASP B 85 4.18 -14.22 9.90
C ASP B 85 5.65 -14.06 10.24
N THR B 86 6.25 -12.98 9.76
CA THR B 86 7.65 -12.73 10.05
C THR B 86 7.79 -11.34 10.65
N THR B 87 6.81 -10.95 11.46
CA THR B 87 6.88 -9.69 12.20
C THR B 87 8.09 -9.68 13.14
N LEU B 88 8.38 -10.81 13.78
CA LEU B 88 9.45 -10.92 14.75
C LEU B 88 10.82 -11.15 14.11
N ARG B 89 10.90 -11.08 12.77
CA ARG B 89 12.16 -11.26 12.08
C ARG B 89 12.31 -10.19 11.00
N ASP B 90 11.68 -10.39 9.84
CA ASP B 90 11.74 -9.38 8.79
C ASP B 90 11.17 -8.05 9.28
N GLY B 91 10.10 -8.10 10.07
CA GLY B 91 9.54 -6.87 10.60
C GLY B 91 10.48 -6.13 11.54
N GLU B 92 11.16 -6.86 12.42
CA GLU B 92 12.08 -6.23 13.36
C GLU B 92 13.30 -5.65 12.65
N GLN B 93 13.55 -6.03 11.40
CA GLN B 93 14.63 -5.43 10.63
C GLN B 93 14.32 -4.00 10.17
N SER B 94 13.08 -3.53 10.33
CA SER B 94 12.79 -2.14 10.00
C SER B 94 13.68 -1.24 10.85
N PRO B 95 14.26 -0.20 10.27
CA PRO B 95 15.01 0.76 11.08
C PRO B 95 14.16 1.26 12.25
N GLY B 96 14.74 1.22 13.44
CA GLY B 96 14.09 1.67 14.65
C GLY B 96 13.13 0.69 15.29
N ALA B 97 13.01 -0.53 14.79
CA ALA B 97 11.99 -1.46 15.24
C ALA B 97 12.48 -2.56 16.20
N ALA B 98 13.76 -2.52 16.61
CA ALA B 98 14.27 -3.58 17.49
C ALA B 98 13.39 -3.75 18.73
N LEU B 99 13.19 -5.00 19.12
CA LEU B 99 12.30 -5.36 20.22
C LEU B 99 13.09 -6.00 21.36
N THR B 100 12.64 -5.75 22.60
CA THR B 100 13.21 -6.42 23.75
C THR B 100 12.69 -7.85 23.85
N PRO B 101 13.38 -8.71 24.58
CA PRO B 101 12.93 -10.11 24.72
C PRO B 101 11.49 -10.21 25.21
N PRO B 102 11.11 -9.54 26.31
CA PRO B 102 9.70 -9.65 26.73
C PRO B 102 8.73 -9.18 25.67
N GLN B 103 9.10 -8.18 24.87
CA GLN B 103 8.22 -7.72 23.82
C GLN B 103 8.06 -8.77 22.73
N LYS B 104 9.16 -9.41 22.32
CA LYS B 104 9.03 -10.45 21.31
C LYS B 104 8.18 -11.61 21.82
N ILE B 105 8.31 -11.92 23.10
CA ILE B 105 7.57 -13.05 23.66
C ILE B 105 6.08 -12.74 23.74
N GLU B 106 5.73 -11.53 24.19
CA GLU B 106 4.32 -11.15 24.24
C GLU B 106 3.71 -11.10 22.84
N ILE B 107 4.48 -10.61 21.87
CA ILE B 107 3.98 -10.55 20.51
C ILE B 107 3.77 -11.96 19.96
N ALA B 108 4.73 -12.86 20.19
CA ALA B 108 4.59 -14.24 19.72
C ALA B 108 3.33 -14.88 20.28
N ARG B 109 3.08 -14.69 21.57
CA ARG B 109 1.87 -15.22 22.19
C ARG B 109 0.61 -14.64 21.55
N GLN B 110 0.66 -13.38 21.13
CA GLN B 110 -0.50 -12.79 20.47
C GLN B 110 -0.65 -13.27 19.03
N LEU B 111 0.46 -13.51 18.34
CA LEU B 111 0.39 -14.10 17.02
C LEU B 111 -0.23 -15.48 17.05
N ALA B 112 -0.03 -16.23 18.13
CA ALA B 112 -0.71 -17.51 18.28
C ALA B 112 -2.19 -17.31 18.51
N LYS B 113 -2.57 -16.26 19.22
CA LYS B 113 -3.98 -15.95 19.39
C LYS B 113 -4.62 -15.54 18.07
N LEU B 114 -3.83 -14.92 17.17
CA LEU B 114 -4.30 -14.56 15.84
C LEU B 114 -4.45 -15.77 14.93
N ARG B 115 -3.82 -16.90 15.31
CA ARG B 115 -3.89 -18.18 14.63
C ARG B 115 -3.07 -18.21 13.34
N VAL B 116 -1.91 -17.55 13.33
CA VAL B 116 -0.97 -17.71 12.22
C VAL B 116 -0.53 -19.16 12.16
N ASP B 117 -0.35 -19.67 10.95
CA ASP B 117 0.11 -21.05 10.81
C ASP B 117 1.57 -21.17 11.20
N ILE B 118 2.38 -20.20 10.80
CA ILE B 118 3.80 -20.17 11.14
C ILE B 118 4.14 -18.79 11.64
N MET B 119 4.96 -18.72 12.68
CA MET B 119 5.57 -17.45 13.08
C MET B 119 7.08 -17.61 13.03
N GLU B 120 7.75 -16.72 12.30
CA GLU B 120 9.21 -16.69 12.23
C GLU B 120 9.69 -15.69 13.27
N VAL B 121 10.38 -16.18 14.31
CA VAL B 121 10.55 -15.41 15.54
C VAL B 121 11.92 -14.78 15.69
N GLY B 122 12.83 -15.00 14.75
CA GLY B 122 14.11 -14.33 14.87
C GLY B 122 15.21 -15.04 14.10
N PHE B 123 16.44 -14.62 14.39
CA PHE B 123 17.63 -14.98 13.62
C PHE B 123 18.64 -15.46 14.66
N PRO B 124 18.60 -16.76 15.03
CA PRO B 124 19.33 -17.22 16.23
C PRO B 124 20.81 -16.88 16.26
N VAL B 125 21.49 -16.96 15.12
CA VAL B 125 22.93 -16.72 15.11
C VAL B 125 23.27 -15.27 15.40
N SER B 126 22.30 -14.35 15.27
CA SER B 126 22.62 -12.93 15.35
C SER B 126 23.23 -12.55 16.71
N SER B 127 22.74 -13.14 17.80
CA SER B 127 23.21 -12.72 19.12
C SER B 127 22.74 -13.69 20.18
N GLU B 128 23.44 -13.66 21.32
CA GLU B 128 23.04 -14.45 22.47
C GLU B 128 21.61 -14.15 22.87
N GLU B 129 21.25 -12.86 22.92
CA GLU B 129 19.92 -12.49 23.38
C GLU B 129 18.85 -12.97 22.41
N GLU B 130 19.12 -12.89 21.11
CA GLU B 130 18.18 -13.43 20.13
C GLU B 130 18.04 -14.95 20.28
N PHE B 131 19.18 -15.64 20.43
CA PHE B 131 19.15 -17.09 20.63
C PHE B 131 18.31 -17.47 21.86
N GLU B 132 18.54 -16.81 23.00
CA GLU B 132 17.82 -17.19 24.21
C GLU B 132 16.34 -16.82 24.13
N THR B 133 16.00 -15.68 23.51
CA THR B 133 14.61 -15.31 23.37
C THR B 133 13.84 -16.34 22.54
N ILE B 134 14.44 -16.81 21.45
CA ILE B 134 13.81 -17.83 20.60
C ILE B 134 13.56 -19.11 21.40
N GLN B 135 14.57 -19.56 22.15
CA GLN B 135 14.40 -20.74 22.99
C GLN B 135 13.17 -20.60 23.87
N THR B 136 13.05 -19.46 24.57
CA THR B 136 11.92 -19.23 25.45
C THR B 136 10.61 -19.34 24.70
N ILE B 137 10.55 -18.76 23.49
CA ILE B 137 9.34 -18.85 22.71
C ILE B 137 9.09 -20.29 22.27
N ALA B 138 10.15 -20.99 21.85
CA ALA B 138 10.01 -22.37 21.42
C ALA B 138 9.50 -23.26 22.56
N LYS B 139 9.96 -23.00 23.78
CA LYS B 139 9.54 -23.81 24.93
C LYS B 139 8.13 -23.48 25.41
N THR B 140 7.67 -22.25 25.20
CA THR B 140 6.37 -21.85 25.74
C THR B 140 5.31 -21.80 24.66
N VAL B 141 5.30 -20.72 23.87
CA VAL B 141 4.34 -20.57 22.79
C VAL B 141 4.38 -21.78 21.86
N GLY B 142 5.57 -22.32 21.62
CA GLY B 142 5.72 -23.45 20.71
C GLY B 142 5.24 -24.77 21.26
N ASN B 143 4.92 -24.84 22.55
CA ASN B 143 4.36 -26.06 23.11
C ASN B 143 2.94 -25.91 23.61
N GLU B 144 2.33 -24.73 23.49
CA GLU B 144 0.98 -24.52 23.97
C GLU B 144 -0.01 -24.91 22.89
N VAL B 145 -0.78 -25.96 23.17
CA VAL B 145 -1.80 -26.47 22.25
C VAL B 145 -3.14 -25.86 22.63
N ASP B 146 -3.88 -25.36 21.64
CA ASP B 146 -5.27 -24.99 21.91
C ASP B 146 -6.06 -26.26 22.17
N GLU B 147 -6.65 -26.35 23.36
CA GLU B 147 -7.30 -27.57 23.81
C GLU B 147 -8.42 -28.00 22.86
N GLU B 148 -9.33 -27.09 22.55
CA GLU B 148 -10.56 -27.45 21.83
C GLU B 148 -10.28 -27.80 20.38
N THR B 149 -9.35 -27.08 19.73
CA THR B 149 -9.14 -27.20 18.29
C THR B 149 -7.82 -27.85 17.92
N GLY B 150 -6.87 -27.96 18.84
CA GLY B 150 -5.59 -28.55 18.51
C GLY B 150 -4.66 -27.65 17.73
N TYR B 151 -5.03 -26.38 17.54
CA TYR B 151 -4.11 -25.43 16.91
C TYR B 151 -2.79 -25.39 17.68
N ILE B 152 -1.69 -25.46 16.93
CA ILE B 152 -0.32 -25.30 17.43
C ILE B 152 0.46 -24.51 16.41
N PRO B 153 0.99 -23.33 16.73
CA PRO B 153 1.80 -22.60 15.74
C PRO B 153 3.09 -23.32 15.43
N VAL B 154 3.51 -23.23 14.17
CA VAL B 154 4.86 -23.59 13.77
C VAL B 154 5.80 -22.48 14.18
N ILE B 155 6.89 -22.82 14.86
CA ILE B 155 7.91 -21.85 15.25
C ILE B 155 9.08 -21.97 14.28
N CYS B 156 9.36 -20.90 13.56
CA CYS B 156 10.36 -20.89 12.51
C CYS B 156 11.51 -19.95 12.88
N VAL B 157 12.71 -20.28 12.38
CA VAL B 157 13.90 -19.44 12.55
C VAL B 157 14.67 -19.38 11.23
N ILE B 158 15.35 -18.27 11.01
CA ILE B 158 16.02 -18.05 9.74
C ILE B 158 17.52 -18.31 9.90
N ALA B 159 18.14 -18.78 8.83
CA ALA B 159 19.57 -18.98 8.80
C ALA B 159 20.08 -18.73 7.39
N ARG B 160 21.25 -18.10 7.30
CA ARG B 160 22.02 -18.19 6.07
C ARG B 160 22.41 -19.64 5.81
N SER B 161 22.79 -19.92 4.56
CA SER B 161 23.28 -21.24 4.18
C SER B 161 24.72 -21.44 4.68
N LYS B 162 24.86 -21.40 6.01
CA LYS B 162 26.12 -21.65 6.70
C LYS B 162 25.86 -22.55 7.91
N GLU B 163 26.85 -23.39 8.22
CA GLU B 163 26.69 -24.33 9.32
C GLU B 163 26.49 -23.63 10.65
N ARG B 164 27.24 -22.55 10.89
CA ARG B 164 27.09 -21.82 12.15
C ARG B 164 25.63 -21.34 12.33
N ASP B 165 25.09 -20.65 11.32
CA ASP B 165 23.71 -20.18 11.41
C ASP B 165 22.73 -21.34 11.65
N ILE B 166 22.93 -22.45 10.94
CA ILE B 166 21.97 -23.55 10.96
C ILE B 166 22.05 -24.31 12.28
N LYS B 167 23.25 -24.44 12.83
CA LYS B 167 23.40 -25.03 14.16
C LYS B 167 22.72 -24.15 15.21
N ALA B 168 22.87 -22.82 15.09
CA ALA B 168 22.17 -21.93 15.99
C ALA B 168 20.67 -22.08 15.85
N ALA B 169 20.19 -22.38 14.65
CA ALA B 169 18.74 -22.53 14.42
C ALA B 169 18.22 -23.77 15.12
N TRP B 170 18.84 -24.92 14.89
CA TRP B 170 18.38 -26.15 15.53
C TRP B 170 18.42 -26.01 17.04
N GLU B 171 19.53 -25.53 17.59
CA GLU B 171 19.67 -25.54 19.05
C GLU B 171 18.70 -24.58 19.74
N SER B 172 18.24 -23.54 19.05
CA SER B 172 17.31 -22.60 19.63
C SER B 172 15.85 -23.03 19.51
N VAL B 173 15.48 -23.66 18.40
CA VAL B 173 14.08 -23.88 18.06
C VAL B 173 13.62 -25.33 18.29
N LYS B 174 14.55 -26.26 18.59
CA LYS B 174 14.18 -27.67 18.64
C LYS B 174 13.17 -27.99 19.74
N TYR B 175 13.02 -27.12 20.73
CA TYR B 175 12.06 -27.39 21.80
C TYR B 175 10.62 -27.25 21.34
N ALA B 176 10.36 -26.50 20.26
CA ALA B 176 9.00 -26.37 19.75
C ALA B 176 8.46 -27.72 19.30
N LYS B 177 7.14 -27.87 19.44
CA LYS B 177 6.47 -29.05 18.88
C LYS B 177 6.58 -29.09 17.37
N ARG B 178 6.53 -27.93 16.72
CA ARG B 178 6.60 -27.83 15.26
C ARG B 178 7.70 -26.84 14.87
N PRO B 179 8.96 -27.24 14.99
CA PRO B 179 10.05 -26.35 14.56
C PRO B 179 10.20 -26.34 13.05
N ARG B 180 10.60 -25.16 12.53
CA ARG B 180 10.92 -24.99 11.12
C ARG B 180 12.16 -24.14 11.00
N ILE B 181 12.92 -24.36 9.93
CA ILE B 181 14.05 -23.49 9.60
C ILE B 181 13.83 -22.93 8.20
N VAL B 182 14.14 -21.64 8.04
CA VAL B 182 14.29 -21.03 6.72
C VAL B 182 15.77 -20.84 6.44
N ILE B 183 16.25 -21.45 5.36
CA ILE B 183 17.59 -21.23 4.84
C ILE B 183 17.43 -20.38 3.60
N PHE B 184 18.20 -19.30 3.50
CA PHE B 184 18.11 -18.42 2.35
C PHE B 184 19.48 -18.23 1.72
N THR B 185 19.50 -18.15 0.39
CA THR B 185 20.70 -17.92 -0.39
C THR B 185 20.32 -17.06 -1.59
N SER B 186 21.15 -16.07 -1.89
CA SER B 186 20.91 -15.23 -3.05
C SER B 186 21.12 -16.01 -4.34
N THR B 187 20.28 -15.75 -5.35
CA THR B 187 20.44 -16.35 -6.66
C THR B 187 20.57 -15.32 -7.79
N SER B 188 20.44 -14.03 -7.50
CA SER B 188 20.50 -13.02 -8.55
C SER B 188 21.95 -12.73 -8.97
N ASP B 189 22.10 -12.40 -10.25
CA ASP B 189 23.42 -12.02 -10.76
C ASP B 189 24.01 -10.88 -9.95
N ILE B 190 23.18 -9.92 -9.54
CA ILE B 190 23.70 -8.77 -8.79
C ILE B 190 24.27 -9.23 -7.45
N HIS B 191 23.55 -10.11 -6.76
CA HIS B 191 24.03 -10.55 -5.46
C HIS B 191 25.22 -11.49 -5.60
N LEU B 192 25.18 -12.40 -6.58
CA LEU B 192 26.32 -13.30 -6.75
C LEU B 192 27.57 -12.53 -7.14
N LYS B 193 27.42 -11.44 -7.90
CA LYS B 193 28.59 -10.67 -8.33
C LYS B 193 29.12 -9.80 -7.20
N TYR B 194 28.26 -9.05 -6.51
CA TYR B 194 28.72 -8.05 -5.56
C TYR B 194 28.67 -8.49 -4.11
N LYS B 195 27.70 -9.33 -3.73
CA LYS B 195 27.52 -9.67 -2.33
C LYS B 195 28.32 -10.91 -1.97
N LEU B 196 28.04 -12.02 -2.65
CA LEU B 196 28.62 -13.32 -2.28
C LEU B 196 29.95 -13.59 -2.97
N LYS B 197 30.20 -12.97 -4.12
CA LYS B 197 31.36 -13.28 -4.97
C LYS B 197 31.51 -14.79 -5.16
N MET B 198 30.43 -15.40 -5.67
CA MET B 198 30.36 -16.83 -5.94
C MET B 198 29.76 -17.05 -7.33
N THR B 199 30.07 -18.21 -7.90
CA THR B 199 29.48 -18.61 -9.17
C THR B 199 28.14 -19.27 -8.92
N ARG B 200 27.40 -19.48 -10.02
CA ARG B 200 26.10 -20.13 -9.93
C ARG B 200 26.24 -21.57 -9.47
N GLU B 201 27.28 -22.27 -9.95
CA GLU B 201 27.51 -23.64 -9.51
C GLU B 201 27.83 -23.71 -8.02
N GLU B 202 28.65 -22.76 -7.52
CA GLU B 202 28.98 -22.72 -6.10
C GLU B 202 27.74 -22.50 -5.24
N VAL B 203 26.85 -21.61 -5.68
CA VAL B 203 25.63 -21.36 -4.92
C VAL B 203 24.76 -22.62 -4.85
N VAL B 204 24.65 -23.37 -5.96
CA VAL B 204 23.84 -24.59 -5.94
C VAL B 204 24.42 -25.60 -4.95
N ASP B 205 25.74 -25.78 -4.96
CA ASP B 205 26.36 -26.68 -3.98
C ASP B 205 26.09 -26.20 -2.56
N MET B 206 26.11 -24.89 -2.33
CA MET B 206 25.93 -24.37 -0.98
C MET B 206 24.50 -24.54 -0.50
N VAL B 207 23.54 -24.33 -1.39
CA VAL B 207 22.14 -24.52 -1.04
C VAL B 207 21.88 -25.97 -0.65
N ALA B 208 22.24 -26.90 -1.53
CA ALA B 208 21.97 -28.31 -1.28
C ALA B 208 22.64 -28.80 0.00
N SER B 209 23.92 -28.47 0.19
CA SER B 209 24.62 -29.02 1.34
C SER B 209 24.14 -28.39 2.64
N SER B 210 23.71 -27.12 2.62
CA SER B 210 23.19 -26.51 3.83
CA SER B 210 23.17 -26.50 3.81
C SER B 210 21.86 -27.16 4.23
N ILE B 211 21.03 -27.51 3.25
CA ILE B 211 19.76 -28.19 3.53
C ILE B 211 20.01 -29.60 4.04
N ARG B 212 20.92 -30.34 3.41
CA ARG B 212 21.30 -31.65 3.94
CA ARG B 212 21.27 -31.65 3.95
C ARG B 212 21.81 -31.53 5.38
N PHE B 213 22.56 -30.46 5.67
CA PHE B 213 23.07 -30.25 7.01
C PHE B 213 21.93 -30.02 8.01
N ALA B 214 21.00 -29.11 7.68
CA ALA B 214 19.86 -28.88 8.56
C ALA B 214 19.10 -30.18 8.81
N LYS B 215 18.92 -30.99 7.76
CA LYS B 215 18.25 -32.27 7.91
C LYS B 215 19.05 -33.19 8.82
N SER B 216 20.37 -33.18 8.70
CA SER B 216 21.20 -34.02 9.58
C SER B 216 21.10 -33.59 11.04
N LEU B 217 20.85 -32.30 11.31
CA LEU B 217 20.74 -31.88 12.69
C LEU B 217 19.43 -32.30 13.33
N GLY B 218 18.41 -32.60 12.53
CA GLY B 218 17.11 -32.96 13.08
C GLY B 218 15.92 -32.27 12.44
N PHE B 219 16.15 -31.29 11.57
CA PHE B 219 15.04 -30.61 10.90
C PHE B 219 14.37 -31.53 9.90
N GLU B 220 13.03 -31.54 9.92
CA GLU B 220 12.21 -32.14 8.88
C GLU B 220 11.38 -31.10 8.14
N ASP B 221 11.15 -29.96 8.76
CA ASP B 221 10.33 -28.88 8.26
C ASP B 221 11.33 -27.79 7.84
N ILE B 222 11.69 -27.80 6.57
CA ILE B 222 12.79 -26.99 6.03
C ILE B 222 12.23 -26.14 4.90
N GLU B 223 12.39 -24.82 5.01
CA GLU B 223 12.03 -23.91 3.93
C GLU B 223 13.29 -23.32 3.32
N PHE B 224 13.33 -23.24 1.99
CA PHE B 224 14.42 -22.58 1.29
C PHE B 224 13.91 -21.39 0.48
N GLY B 225 14.59 -20.26 0.60
CA GLY B 225 14.23 -19.08 -0.18
C GLY B 225 15.40 -18.56 -1.00
N CYS B 226 15.15 -18.27 -2.28
CA CYS B 226 16.17 -17.67 -3.14
C CYS B 226 16.10 -16.16 -2.96
N GLU B 227 17.01 -15.59 -2.17
CA GLU B 227 16.98 -14.17 -1.95
C GLU B 227 17.19 -13.42 -3.26
N ASP B 228 16.47 -12.30 -3.42
CA ASP B 228 16.47 -11.53 -4.66
C ASP B 228 15.97 -12.37 -5.84
N GLY B 229 15.06 -13.29 -5.56
CA GLY B 229 14.49 -14.10 -6.63
C GLY B 229 13.81 -13.25 -7.68
N GLY B 230 13.27 -12.11 -7.29
CA GLY B 230 12.59 -11.21 -8.20
C GLY B 230 13.48 -10.66 -9.28
N ARG B 231 14.79 -10.81 -9.15
CA ARG B 231 15.74 -10.37 -10.16
C ARG B 231 16.62 -11.51 -10.62
N SER B 232 16.21 -12.74 -10.36
CA SER B 232 16.97 -13.92 -10.75
C SER B 232 16.42 -14.51 -12.04
N ASP B 233 17.30 -15.17 -12.77
CA ASP B 233 16.92 -15.86 -14.00
C ASP B 233 15.98 -16.99 -13.65
N LYS B 234 14.83 -17.02 -14.32
CA LYS B 234 13.78 -17.96 -13.93
C LYS B 234 14.24 -19.41 -14.02
N ASP B 235 15.09 -19.74 -15.00
CA ASP B 235 15.55 -21.11 -15.13
C ASP B 235 16.59 -21.47 -14.09
N TYR B 236 17.42 -20.52 -13.68
CA TYR B 236 18.35 -20.80 -12.60
C TYR B 236 17.62 -21.00 -11.28
N ILE B 237 16.49 -20.31 -11.06
CA ILE B 237 15.68 -20.55 -9.87
C ILE B 237 15.18 -21.99 -9.85
N CYS B 238 14.68 -22.50 -10.98
CA CYS B 238 14.19 -23.89 -11.04
C CYS B 238 15.30 -24.87 -10.74
N THR B 239 16.51 -24.59 -11.23
CA THR B 239 17.65 -25.45 -10.94
C THR B 239 17.95 -25.47 -9.44
N VAL B 240 18.02 -24.29 -8.82
CA VAL B 240 18.25 -24.23 -7.39
C VAL B 240 17.13 -24.94 -6.64
N PHE B 241 15.87 -24.60 -6.97
CA PHE B 241 14.74 -25.20 -6.29
C PHE B 241 14.73 -26.71 -6.42
N GLU B 242 15.06 -27.23 -7.61
CA GLU B 242 15.11 -28.67 -7.82
C GLU B 242 16.12 -29.34 -6.88
N GLU B 243 17.31 -28.75 -6.75
CA GLU B 243 18.29 -29.28 -5.79
C GLU B 243 17.83 -29.09 -4.35
N ALA B 244 17.16 -27.97 -4.06
CA ALA B 244 16.65 -27.74 -2.71
C ALA B 244 15.65 -28.83 -2.33
N ILE B 245 14.79 -29.23 -3.27
CA ILE B 245 13.79 -30.26 -3.01
C ILE B 245 14.47 -31.60 -2.80
N LYS B 246 15.40 -31.95 -3.69
CA LYS B 246 16.12 -33.21 -3.56
C LYS B 246 16.83 -33.30 -2.23
N ALA B 247 17.26 -32.17 -1.68
CA ALA B 247 18.04 -32.19 -0.43
C ALA B 247 17.15 -32.19 0.81
N GLY B 248 15.87 -31.84 0.70
CA GLY B 248 14.98 -31.96 1.84
C GLY B 248 14.02 -30.81 2.10
N ALA B 249 14.01 -29.79 1.26
CA ALA B 249 13.11 -28.67 1.49
C ALA B 249 11.67 -29.10 1.29
N THR B 250 10.82 -28.72 2.23
CA THR B 250 9.39 -28.98 2.14
C THR B 250 8.58 -27.72 1.83
N THR B 251 9.20 -26.54 1.85
CA THR B 251 8.61 -25.29 1.40
C THR B 251 9.67 -24.51 0.65
N LEU B 252 9.29 -23.90 -0.47
CA LEU B 252 10.16 -23.05 -1.28
C LEU B 252 9.57 -21.66 -1.36
N ALA B 253 10.39 -20.64 -1.10
CA ALA B 253 9.96 -19.26 -1.22
C ALA B 253 10.80 -18.57 -2.29
N CYS B 254 10.13 -17.76 -3.12
CA CYS B 254 10.78 -16.96 -4.15
C CYS B 254 10.56 -15.49 -3.81
N PRO B 255 11.35 -14.92 -2.90
CA PRO B 255 11.08 -13.55 -2.46
C PRO B 255 11.47 -12.53 -3.52
N ASP B 256 10.64 -11.50 -3.63
CA ASP B 256 11.01 -10.26 -4.30
C ASP B 256 11.68 -9.34 -3.28
N THR B 257 12.92 -9.72 -2.95
CA THR B 257 13.63 -9.10 -1.83
C THR B 257 13.74 -7.57 -1.97
N VAL B 258 13.94 -7.07 -3.19
CA VAL B 258 14.15 -5.64 -3.39
C VAL B 258 12.88 -4.92 -3.84
N GLY B 259 11.75 -5.60 -3.92
CA GLY B 259 10.48 -4.94 -4.20
C GLY B 259 10.38 -4.34 -5.59
N ILE B 260 10.90 -5.04 -6.60
CA ILE B 260 10.96 -4.51 -7.96
C ILE B 260 9.82 -5.01 -8.85
N ASN B 261 9.26 -6.18 -8.54
CA ASN B 261 8.28 -6.81 -9.43
C ASN B 261 6.92 -6.12 -9.38
N MET B 262 6.26 -6.12 -10.51
CA MET B 262 4.85 -5.81 -10.67
C MET B 262 4.05 -7.08 -10.47
N PRO B 263 2.75 -6.97 -10.13
CA PRO B 263 1.98 -8.18 -9.80
C PRO B 263 1.89 -9.18 -10.94
N HIS B 264 1.61 -8.75 -12.17
CA HIS B 264 1.52 -9.71 -13.26
C HIS B 264 2.85 -10.40 -13.49
N GLU B 265 3.95 -9.65 -13.31
CA GLU B 265 5.30 -10.18 -13.51
C GLU B 265 5.65 -11.20 -12.43
N TYR B 266 5.32 -10.90 -11.17
CA TYR B 266 5.57 -11.85 -10.09
C TYR B 266 4.70 -13.08 -10.24
N GLY B 267 3.42 -12.90 -10.57
CA GLY B 267 2.57 -14.05 -10.82
C GLY B 267 3.09 -14.91 -11.96
N LYS B 268 3.54 -14.26 -13.03
CA LYS B 268 4.13 -14.97 -14.15
C LYS B 268 5.35 -15.78 -13.70
N LEU B 269 6.17 -15.21 -12.79
CA LEU B 269 7.37 -15.89 -12.33
C LEU B 269 7.02 -17.12 -11.51
N VAL B 270 6.11 -16.96 -10.54
CA VAL B 270 5.66 -18.09 -9.72
C VAL B 270 5.10 -19.20 -10.60
N ARG B 271 4.23 -18.83 -11.54
CA ARG B 271 3.61 -19.83 -12.39
C ARG B 271 4.67 -20.59 -13.20
N TYR B 272 5.68 -19.88 -13.71
CA TYR B 272 6.73 -20.53 -14.47
C TYR B 272 7.54 -21.49 -13.61
N ILE B 273 7.87 -21.06 -12.39
CA ILE B 273 8.67 -21.92 -11.51
C ILE B 273 7.89 -23.18 -11.18
N LYS B 274 6.58 -23.05 -10.95
CA LYS B 274 5.77 -24.23 -10.62
C LYS B 274 5.56 -25.13 -11.83
N ALA B 275 5.63 -24.57 -13.03
CA ALA B 275 5.50 -25.42 -14.21
C ALA B 275 6.79 -26.12 -14.57
N ASN B 276 7.94 -25.55 -14.19
CA ASN B 276 9.21 -25.99 -14.76
C ASN B 276 10.19 -26.58 -13.73
N THR B 277 9.76 -26.84 -12.50
CA THR B 277 10.68 -27.42 -11.53
C THR B 277 10.29 -28.86 -11.20
N PRO B 278 11.11 -29.84 -11.54
CA PRO B 278 10.78 -31.23 -11.19
C PRO B 278 10.67 -31.39 -9.68
N GLY B 279 9.61 -32.08 -9.25
CA GLY B 279 9.35 -32.33 -7.86
C GLY B 279 8.57 -31.27 -7.13
N ILE B 280 8.30 -30.12 -7.76
CA ILE B 280 7.76 -29.00 -6.99
C ILE B 280 6.29 -29.18 -6.65
N ASP B 281 5.58 -30.11 -7.32
CA ASP B 281 4.20 -30.40 -6.94
C ASP B 281 4.07 -30.91 -5.52
N ASP B 282 5.14 -31.44 -4.93
CA ASP B 282 5.07 -32.11 -3.65
C ASP B 282 5.69 -31.28 -2.54
N VAL B 283 5.85 -29.98 -2.74
CA VAL B 283 6.27 -29.05 -1.71
C VAL B 283 5.35 -27.83 -1.80
N ILE B 284 5.39 -27.01 -0.77
CA ILE B 284 4.55 -25.82 -0.72
C ILE B 284 5.34 -24.64 -1.28
N PHE B 285 4.73 -23.89 -2.20
CA PHE B 285 5.33 -22.67 -2.72
C PHE B 285 4.87 -21.46 -1.92
N SER B 286 5.82 -20.60 -1.58
CA SER B 286 5.58 -19.46 -0.68
C SER B 286 5.94 -18.14 -1.36
N ALA B 287 4.99 -17.19 -1.31
CA ALA B 287 5.25 -15.82 -1.76
C ALA B 287 5.79 -14.97 -0.62
N HIS B 288 6.74 -14.09 -0.95
CA HIS B 288 7.40 -13.23 0.04
C HIS B 288 7.72 -11.93 -0.69
N CYS B 289 6.90 -10.91 -0.50
CA CYS B 289 6.98 -9.73 -1.34
C CYS B 289 7.29 -8.49 -0.50
N HIS B 290 8.07 -7.57 -1.07
CA HIS B 290 8.39 -6.30 -0.44
C HIS B 290 7.74 -5.14 -1.20
N ASN B 291 7.62 -4.01 -0.50
CA ASN B 291 6.68 -2.96 -0.84
C ASN B 291 7.33 -1.71 -1.42
N ASP B 292 8.49 -1.84 -2.07
CA ASP B 292 9.23 -0.65 -2.49
C ASP B 292 8.49 0.17 -3.54
N LEU B 293 7.64 -0.47 -4.34
CA LEU B 293 6.84 0.25 -5.31
C LEU B 293 5.37 0.18 -4.97
N GLY B 294 5.04 -0.17 -3.73
CA GLY B 294 3.67 -0.08 -3.27
C GLY B 294 2.76 -1.23 -3.65
N VAL B 295 3.30 -2.39 -4.04
CA VAL B 295 2.47 -3.47 -4.56
C VAL B 295 2.72 -4.81 -3.87
N ALA B 296 3.26 -4.76 -2.64
CA ALA B 296 3.58 -5.99 -1.93
C ALA B 296 2.35 -6.86 -1.74
N THR B 297 1.22 -6.26 -1.34
CA THR B 297 0.01 -7.05 -1.11
C THR B 297 -0.49 -7.67 -2.40
N ALA B 298 -0.46 -6.90 -3.49
CA ALA B 298 -0.98 -7.40 -4.76
C ALA B 298 -0.07 -8.45 -5.36
N ASN B 299 1.25 -8.28 -5.21
CA ASN B 299 2.19 -9.31 -5.61
C ASN B 299 1.90 -10.61 -4.87
N THR B 300 1.58 -10.52 -3.58
CA THR B 300 1.22 -11.69 -2.81
C THR B 300 -0.02 -12.35 -3.38
N ILE B 301 -1.08 -11.57 -3.61
CA ILE B 301 -2.29 -12.07 -4.24
C ILE B 301 -1.94 -12.72 -5.57
N ALA B 302 -1.12 -12.05 -6.39
CA ALA B 302 -0.78 -12.64 -7.68
C ALA B 302 -0.01 -13.94 -7.48
N GLY B 303 0.82 -14.01 -6.45
CA GLY B 303 1.49 -15.28 -6.17
C GLY B 303 0.51 -16.37 -5.82
N ILE B 304 -0.49 -16.05 -5.00
CA ILE B 304 -1.56 -17.00 -4.67
C ILE B 304 -2.28 -17.46 -5.93
N CYS B 305 -2.69 -16.52 -6.78
CA CYS B 305 -3.36 -16.89 -8.02
C CYS B 305 -2.47 -17.74 -8.92
N ALA B 306 -1.16 -17.59 -8.82
CA ALA B 306 -0.25 -18.41 -9.61
C ALA B 306 0.07 -19.75 -8.95
N GLY B 307 -0.50 -20.03 -7.79
CA GLY B 307 -0.34 -21.32 -7.15
C GLY B 307 0.42 -21.32 -5.85
N ALA B 308 0.86 -20.18 -5.32
CA ALA B 308 1.47 -20.18 -4.00
C ALA B 308 0.42 -20.49 -2.94
N ARG B 309 0.80 -21.31 -1.96
CA ARG B 309 -0.14 -21.63 -0.88
C ARG B 309 0.43 -21.34 0.51
N GLN B 310 1.55 -20.63 0.58
CA GLN B 310 1.99 -19.94 1.78
C GLN B 310 2.25 -18.50 1.40
N VAL B 311 1.93 -17.56 2.30
CA VAL B 311 2.25 -16.15 2.10
C VAL B 311 2.98 -15.65 3.34
N GLU B 312 4.01 -14.85 3.13
CA GLU B 312 4.82 -14.32 4.22
C GLU B 312 4.52 -12.84 4.35
N VAL B 313 4.12 -12.43 5.56
CA VAL B 313 3.51 -11.14 5.81
C VAL B 313 4.01 -10.65 7.16
N THR B 314 3.87 -9.36 7.41
CA THR B 314 4.10 -8.84 8.74
C THR B 314 2.89 -8.04 9.21
N ILE B 315 2.71 -7.96 10.53
CA ILE B 315 1.68 -7.08 11.07
C ILE B 315 2.04 -5.64 10.73
N ASN B 316 1.08 -4.87 10.21
CA ASN B 316 1.25 -3.49 9.78
C ASN B 316 2.18 -3.35 8.59
N GLY B 317 2.60 -4.45 7.98
CA GLY B 317 3.53 -4.33 6.88
C GLY B 317 4.91 -3.81 7.23
N ILE B 318 5.28 -3.78 8.51
CA ILE B 318 6.62 -3.32 8.83
C ILE B 318 7.65 -4.28 8.21
N GLY B 319 8.85 -3.76 8.02
CA GLY B 319 9.92 -4.54 7.43
C GLY B 319 10.96 -3.63 6.83
N GLU B 320 11.87 -4.24 6.08
CA GLU B 320 12.96 -3.50 5.45
C GLU B 320 12.41 -2.40 4.55
N ARG B 321 13.04 -1.22 4.64
CA ARG B 321 12.77 -0.11 3.73
C ARG B 321 11.28 0.25 3.75
N SER B 322 10.53 -0.11 2.71
CA SER B 322 9.10 0.17 2.65
C SER B 322 8.26 -0.98 3.18
N GLY B 323 8.88 -1.98 3.79
CA GLY B 323 8.15 -3.00 4.52
C GLY B 323 7.81 -4.23 3.71
N ASN B 324 7.10 -5.15 4.37
CA ASN B 324 6.63 -6.39 3.80
C ASN B 324 5.15 -6.26 3.42
N ALA B 325 4.59 -7.34 2.87
CA ALA B 325 3.15 -7.37 2.62
C ALA B 325 2.43 -7.38 3.97
N PRO B 326 1.47 -6.48 4.19
CA PRO B 326 0.77 -6.47 5.48
C PRO B 326 -0.09 -7.72 5.65
N LEU B 327 0.05 -8.38 6.81
CA LEU B 327 -0.81 -9.50 7.14
C LEU B 327 -2.28 -9.13 7.00
N GLU B 328 -2.69 -8.08 7.71
CA GLU B 328 -4.12 -7.75 7.78
C GLU B 328 -4.70 -7.45 6.39
N GLU B 329 -3.89 -6.96 5.47
CA GLU B 329 -4.38 -6.68 4.11
C GLU B 329 -4.50 -7.95 3.28
N VAL B 330 -3.47 -8.81 3.30
CA VAL B 330 -3.56 -10.07 2.56
C VAL B 330 -4.69 -10.92 3.11
N VAL B 331 -4.80 -10.97 4.43
CA VAL B 331 -5.81 -11.83 5.05
C VAL B 331 -7.22 -11.29 4.78
N MET B 332 -7.39 -9.97 4.81
CA MET B 332 -8.73 -9.44 4.57
C MET B 332 -9.12 -9.43 3.10
N ALA B 333 -8.16 -9.28 2.19
CA ALA B 333 -8.43 -9.51 0.78
C ALA B 333 -8.97 -10.92 0.56
N LEU B 334 -8.31 -11.93 1.12
CA LEU B 334 -8.81 -13.29 0.94
C LEU B 334 -10.18 -13.45 1.61
N LYS B 335 -10.33 -12.85 2.80
CA LYS B 335 -11.59 -13.00 3.53
C LYS B 335 -12.75 -12.38 2.74
N CYS B 336 -12.54 -11.20 2.15
CA CYS B 336 -13.63 -10.54 1.43
C CYS B 336 -13.82 -11.12 0.03
N ARG B 337 -12.72 -11.47 -0.65
CA ARG B 337 -12.78 -11.72 -2.08
C ARG B 337 -12.39 -13.14 -2.47
N GLY B 338 -11.84 -13.93 -1.54
CA GLY B 338 -11.34 -15.25 -1.89
C GLY B 338 -12.37 -16.14 -2.55
N ALA B 339 -13.57 -16.22 -1.96
CA ALA B 339 -14.59 -17.10 -2.52
C ALA B 339 -15.14 -16.59 -3.85
N PHE B 340 -15.02 -15.30 -4.13
CA PHE B 340 -15.73 -14.68 -5.24
C PHE B 340 -14.87 -14.56 -6.49
N VAL B 341 -13.63 -14.10 -6.36
CA VAL B 341 -12.78 -13.89 -7.54
C VAL B 341 -11.45 -14.57 -7.38
N MET B 342 -11.33 -15.48 -6.40
CA MET B 342 -10.05 -16.18 -6.25
C MET B 342 -10.22 -17.68 -6.05
N GLY B 343 -11.34 -18.25 -6.50
CA GLY B 343 -11.48 -19.69 -6.53
C GLY B 343 -11.64 -20.39 -5.21
N GLY B 344 -11.82 -19.65 -4.12
CA GLY B 344 -12.06 -20.24 -2.82
C GLY B 344 -10.88 -20.32 -1.88
N VAL B 345 -9.74 -19.71 -2.21
CA VAL B 345 -8.62 -19.72 -1.27
C VAL B 345 -9.04 -19.04 0.03
N TYR B 346 -8.46 -19.51 1.14
CA TYR B 346 -8.85 -19.02 2.45
C TYR B 346 -7.69 -19.19 3.41
N THR B 347 -7.78 -18.48 4.55
CA THR B 347 -6.88 -18.69 5.67
C THR B 347 -7.72 -18.97 6.91
N ARG B 348 -7.06 -19.44 7.96
CA ARG B 348 -7.72 -19.68 9.24
C ARG B 348 -7.30 -18.65 10.30
N ILE B 349 -6.83 -17.49 9.87
CA ILE B 349 -6.57 -16.39 10.80
C ILE B 349 -7.86 -16.01 11.52
N ASP B 350 -7.77 -15.81 12.84
CA ASP B 350 -8.89 -15.24 13.61
C ASP B 350 -8.82 -13.72 13.44
N THR B 351 -9.53 -13.23 12.42
CA THR B 351 -9.42 -11.82 12.05
C THR B 351 -9.85 -10.86 13.15
N ARG B 352 -10.64 -11.30 14.13
CA ARG B 352 -11.00 -10.41 15.22
C ARG B 352 -9.81 -10.03 16.10
N GLN B 353 -8.69 -10.73 15.99
CA GLN B 353 -7.48 -10.40 16.73
C GLN B 353 -6.56 -9.47 15.98
N ILE B 354 -6.97 -8.97 14.80
CA ILE B 354 -6.06 -8.17 14.00
C ILE B 354 -5.74 -6.85 14.69
N MET B 355 -6.76 -6.14 15.16
CA MET B 355 -6.51 -4.82 15.74
C MET B 355 -5.68 -4.90 17.01
N ALA B 356 -5.97 -5.87 17.88
CA ALA B 356 -5.16 -6.04 19.08
C ALA B 356 -3.72 -6.35 18.73
N THR B 357 -3.50 -7.13 17.67
CA THR B 357 -2.14 -7.43 17.28
C THR B 357 -1.48 -6.20 16.68
N SER B 358 -2.20 -5.47 15.83
CA SER B 358 -1.66 -4.25 15.24
C SER B 358 -1.22 -3.27 16.32
N LYS B 359 -2.06 -3.08 17.34
CA LYS B 359 -1.76 -2.10 18.38
C LYS B 359 -0.54 -2.50 19.19
N MET B 360 -0.43 -3.78 19.53
CA MET B 360 0.71 -4.21 20.32
C MET B 360 2.01 -4.00 19.57
N VAL B 361 2.03 -4.35 18.27
CA VAL B 361 3.24 -4.25 17.49
C VAL B 361 3.64 -2.79 17.30
N GLN B 362 2.66 -1.90 17.07
CA GLN B 362 2.95 -0.48 16.95
C GLN B 362 3.61 0.05 18.22
N GLU B 363 3.04 -0.27 19.38
CA GLU B 363 3.57 0.27 20.62
C GLU B 363 4.97 -0.24 20.91
N TYR B 364 5.23 -1.53 20.63
CA TYR B 364 6.52 -2.13 20.97
C TYR B 364 7.62 -1.73 20.00
N THR B 365 7.37 -1.84 18.68
CA THR B 365 8.36 -1.38 17.70
C THR B 365 8.46 0.14 17.64
N GLY B 366 7.42 0.86 18.05
CA GLY B 366 7.41 2.30 17.90
C GLY B 366 7.09 2.80 16.50
N LEU B 367 6.80 1.91 15.55
CA LEU B 367 6.41 2.33 14.21
C LEU B 367 4.90 2.43 14.17
N TYR B 368 4.39 3.66 14.16
CA TYR B 368 2.95 3.87 14.16
C TYR B 368 2.46 4.04 12.73
N VAL B 369 1.28 3.47 12.45
CA VAL B 369 0.72 3.46 11.10
C VAL B 369 0.02 4.79 10.84
N GLN B 370 0.02 5.20 9.59
CA GLN B 370 -0.57 6.46 9.20
C GLN B 370 -2.09 6.39 9.25
N PRO B 371 -2.78 7.54 9.23
CA PRO B 371 -4.25 7.51 9.35
C PRO B 371 -4.95 6.69 8.28
N HIS B 372 -4.43 6.68 7.05
CA HIS B 372 -5.07 5.97 5.96
C HIS B 372 -4.47 4.58 5.72
N LYS B 373 -3.82 3.99 6.73
CA LYS B 373 -3.31 2.62 6.61
C LYS B 373 -4.46 1.62 6.52
N PRO B 374 -4.50 0.76 5.50
CA PRO B 374 -5.67 -0.14 5.33
C PRO B 374 -5.92 -1.00 6.56
N ILE B 375 -7.21 -1.29 6.79
CA ILE B 375 -7.70 -2.18 7.84
C ILE B 375 -7.55 -1.59 9.24
N VAL B 376 -6.33 -1.22 9.65
CA VAL B 376 -6.08 -0.84 11.03
C VAL B 376 -5.77 0.65 11.18
N GLY B 377 -5.87 1.43 10.11
CA GLY B 377 -5.70 2.86 10.23
C GLY B 377 -6.87 3.53 10.92
N ALA B 378 -6.58 4.69 11.53
CA ALA B 378 -7.60 5.44 12.26
C ALA B 378 -8.76 5.87 11.37
N ASN B 379 -8.53 6.06 10.07
CA ASN B 379 -9.55 6.63 9.18
C ASN B 379 -10.37 5.59 8.45
N CYS B 380 -10.08 4.30 8.62
CA CYS B 380 -10.67 3.28 7.74
C CYS B 380 -12.19 3.23 7.82
N PHE B 381 -12.77 3.51 8.98
CA PHE B 381 -14.23 3.42 9.12
C PHE B 381 -14.82 4.76 9.51
N VAL B 382 -14.21 5.85 9.04
CA VAL B 382 -14.59 7.21 9.42
C VAL B 382 -14.88 8.00 8.15
N HIS B 383 -15.87 8.89 8.22
CA HIS B 383 -16.34 9.59 7.04
C HIS B 383 -16.59 11.05 7.39
N GLU B 384 -15.98 11.95 6.60
CA GLU B 384 -16.13 13.39 6.82
C GLU B 384 -16.81 14.12 5.68
N SER B 385 -16.79 13.55 4.48
CA SER B 385 -17.36 14.24 3.31
C SER B 385 -18.85 14.01 3.23
N GLY B 386 -19.59 15.08 2.93
CA GLY B 386 -21.04 15.05 3.05
C GLY B 386 -21.68 13.91 2.29
N ILE B 387 -21.32 13.75 1.02
CA ILE B 387 -21.96 12.72 0.21
C ILE B 387 -21.68 11.33 0.77
N HIS B 388 -20.48 11.13 1.32
CA HIS B 388 -20.17 9.82 1.88
C HIS B 388 -20.84 9.61 3.23
N GLN B 389 -20.88 10.67 4.05
CA GLN B 389 -21.62 10.58 5.31
C GLN B 389 -23.07 10.23 5.03
N ASP B 390 -23.67 10.90 4.06
CA ASP B 390 -25.08 10.69 3.78
C ASP B 390 -25.33 9.25 3.36
N GLY B 391 -24.48 8.70 2.51
CA GLY B 391 -24.64 7.31 2.11
C GLY B 391 -24.49 6.36 3.28
N ILE B 392 -23.46 6.57 4.09
CA ILE B 392 -23.24 5.70 5.26
C ILE B 392 -24.45 5.70 6.17
N LEU B 393 -25.02 6.88 6.43
CA LEU B 393 -26.19 6.94 7.30
C LEU B 393 -27.42 6.28 6.67
N LYS B 394 -27.49 6.22 5.34
CA LYS B 394 -28.58 5.50 4.70
C LYS B 394 -28.35 3.99 4.75
N ASN B 395 -27.15 3.54 4.44
CA ASN B 395 -26.81 2.12 4.54
C ASN B 395 -25.29 2.03 4.51
N ARG B 396 -24.68 1.40 5.52
CA ARG B 396 -23.23 1.41 5.60
C ARG B 396 -22.59 0.68 4.42
N SER B 397 -23.30 -0.26 3.81
CA SER B 397 -22.70 -0.95 2.67
C SER B 397 -22.46 -0.03 1.47
N THR B 398 -22.99 1.21 1.50
CA THR B 398 -22.71 2.14 0.39
C THR B 398 -21.21 2.45 0.28
N TYR B 399 -20.52 2.59 1.42
CA TYR B 399 -19.12 3.00 1.37
C TYR B 399 -18.20 2.18 2.27
N GLU B 400 -18.70 1.12 2.92
CA GLU B 400 -17.83 0.23 3.70
C GLU B 400 -18.04 -1.21 3.22
N ILE B 401 -16.94 -1.90 2.97
CA ILE B 401 -16.97 -3.28 2.49
C ILE B 401 -16.59 -4.27 3.56
N ILE B 402 -16.19 -3.80 4.75
CA ILE B 402 -15.78 -4.66 5.85
C ILE B 402 -16.52 -4.22 7.10
N SER B 403 -16.97 -5.21 7.90
CA SER B 403 -17.54 -4.87 9.20
C SER B 403 -16.42 -4.74 10.23
N PRO B 404 -16.34 -3.63 10.96
CA PRO B 404 -15.17 -3.42 11.83
C PRO B 404 -15.05 -4.45 12.95
N GLU B 405 -16.16 -5.05 13.39
CA GLU B 405 -16.10 -6.16 14.35
C GLU B 405 -15.19 -7.26 13.84
N ASP B 406 -15.25 -7.53 12.54
CA ASP B 406 -14.48 -8.62 11.96
C ASP B 406 -12.98 -8.45 12.15
N VAL B 407 -12.50 -7.22 12.29
CA VAL B 407 -11.05 -7.03 12.43
C VAL B 407 -10.68 -6.56 13.83
N GLY B 408 -11.64 -6.57 14.77
CA GLY B 408 -11.35 -6.19 16.15
C GLY B 408 -11.57 -4.73 16.49
N VAL B 409 -12.10 -3.94 15.57
CA VAL B 409 -12.30 -2.51 15.79
C VAL B 409 -13.58 -2.30 16.59
N VAL B 410 -13.47 -1.65 17.75
CA VAL B 410 -14.67 -1.38 18.54
C VAL B 410 -15.55 -0.39 17.78
N LYS B 411 -16.86 -0.54 17.92
CA LYS B 411 -17.78 0.18 17.08
C LYS B 411 -17.73 1.68 17.38
N SER B 412 -17.94 2.46 16.34
CA SER B 412 -17.87 3.91 16.44
C SER B 412 -18.91 4.46 17.40
N GLN B 413 -18.46 5.35 18.31
CA GLN B 413 -19.38 6.03 19.22
C GLN B 413 -20.40 6.86 18.47
N ASN B 414 -20.00 7.40 17.31
CA ASN B 414 -20.77 8.36 16.54
C ASN B 414 -21.08 7.83 15.13
N SER B 415 -20.96 6.51 14.94
CA SER B 415 -21.16 5.83 13.66
C SER B 415 -20.09 6.18 12.64
N GLY B 416 -18.92 6.64 13.06
CA GLY B 416 -17.86 7.01 12.17
C GLY B 416 -18.05 8.33 11.47
N ILE B 417 -19.06 9.12 11.84
CA ILE B 417 -19.35 10.41 11.23
C ILE B 417 -18.60 11.48 12.01
N VAL B 418 -17.65 12.16 11.37
CA VAL B 418 -16.95 13.28 11.99
C VAL B 418 -17.23 14.51 11.15
N LEU B 419 -17.35 15.67 11.79
CA LEU B 419 -17.83 16.88 11.11
C LEU B 419 -16.67 17.82 10.86
N GLY B 420 -16.56 18.26 9.61
CA GLY B 420 -15.52 19.18 9.23
C GLY B 420 -15.95 20.01 8.04
N LYS B 421 -14.97 20.64 7.40
CA LYS B 421 -15.25 21.53 6.27
C LYS B 421 -16.19 20.90 5.25
N LEU B 422 -16.00 19.62 4.93
CA LEU B 422 -16.64 19.04 3.76
C LEU B 422 -17.90 18.25 4.09
N SER B 423 -18.39 18.33 5.33
CA SER B 423 -19.56 17.56 5.75
C SER B 423 -20.85 18.17 5.20
N GLY B 424 -21.90 17.35 5.21
CA GLY B 424 -23.18 17.72 4.65
C GLY B 424 -24.26 17.82 5.71
N ARG B 425 -25.47 18.19 5.25
CA ARG B 425 -26.55 18.43 6.19
C ARG B 425 -27.06 17.15 6.83
N HIS B 426 -27.06 16.03 6.10
CA HIS B 426 -27.49 14.78 6.72
C HIS B 426 -26.61 14.44 7.91
N ALA B 427 -25.30 14.62 7.75
CA ALA B 427 -24.38 14.37 8.85
C ALA B 427 -24.68 15.27 10.03
N VAL B 428 -24.77 16.57 9.80
CA VAL B 428 -25.00 17.52 10.88
C VAL B 428 -26.37 17.27 11.50
N LYS B 429 -27.40 17.11 10.67
CA LYS B 429 -28.72 16.74 11.16
C LYS B 429 -28.66 15.48 12.00
N GLY B 430 -27.95 14.46 11.51
CA GLY B 430 -27.86 13.22 12.26
C GLY B 430 -27.26 13.42 13.62
N ARG B 431 -26.16 14.18 13.70
CA ARG B 431 -25.50 14.34 14.99
C ARG B 431 -26.38 15.13 15.96
N LEU B 432 -27.06 16.17 15.47
CA LEU B 432 -27.93 16.95 16.35
C LEU B 432 -29.02 16.07 16.94
N LYS B 433 -29.58 15.15 16.14
CA LYS B 433 -30.58 14.24 16.69
C LYS B 433 -29.98 13.39 17.81
N GLU B 434 -28.77 12.87 17.61
CA GLU B 434 -28.11 12.08 18.65
C GLU B 434 -27.96 12.89 19.94
N LEU B 435 -27.69 14.19 19.81
CA LEU B 435 -27.53 15.04 20.98
C LEU B 435 -28.86 15.53 21.55
N GLY B 436 -29.99 15.06 21.01
CA GLY B 436 -31.30 15.35 21.57
C GLY B 436 -32.05 16.51 20.95
N TYR B 437 -31.67 16.98 19.77
CA TYR B 437 -32.31 18.12 19.15
C TYR B 437 -33.31 17.68 18.09
N GLU B 438 -34.49 18.29 18.13
CA GLU B 438 -35.56 18.10 17.15
C GLU B 438 -35.71 19.42 16.40
N ILE B 439 -34.88 19.62 15.38
CA ILE B 439 -34.85 20.90 14.69
C ILE B 439 -35.58 20.78 13.35
N SER B 440 -36.28 21.85 12.98
CA SER B 440 -36.97 21.88 11.71
C SER B 440 -35.97 22.00 10.56
N ASP B 441 -36.45 21.75 9.35
CA ASP B 441 -35.58 21.80 8.18
C ASP B 441 -35.06 23.20 7.94
N GLU B 442 -35.85 24.22 8.22
CA GLU B 442 -35.36 25.59 8.05
C GLU B 442 -34.31 25.92 9.10
N LYS B 443 -34.52 25.50 10.36
CA LYS B 443 -33.54 25.74 11.40
C LYS B 443 -32.23 25.01 11.10
N LEU B 444 -32.32 23.79 10.58
CA LEU B 444 -31.12 23.05 10.16
C LEU B 444 -30.32 23.86 9.15
N ASN B 445 -30.98 24.51 8.20
CA ASN B 445 -30.26 25.27 7.19
C ASN B 445 -29.51 26.43 7.81
N GLU B 446 -30.09 27.05 8.85
CA GLU B 446 -29.42 28.15 9.54
C GLU B 446 -28.24 27.65 10.35
N VAL B 447 -28.44 26.58 11.14
CA VAL B 447 -27.32 26.00 11.87
C VAL B 447 -26.20 25.58 10.93
N PHE B 448 -26.57 24.93 9.81
CA PHE B 448 -25.57 24.44 8.86
C PHE B 448 -24.75 25.59 8.29
N SER B 449 -25.40 26.73 8.02
CA SER B 449 -24.66 27.89 7.55
C SER B 449 -23.64 28.35 8.57
N ARG B 450 -24.03 28.39 9.85
CA ARG B 450 -23.09 28.80 10.88
C ARG B 450 -22.02 27.73 11.13
N PHE B 451 -22.39 26.46 11.01
CA PHE B 451 -21.40 25.37 11.07
C PHE B 451 -20.33 25.54 9.98
N ARG B 452 -20.74 25.93 8.78
CA ARG B 452 -19.78 26.14 7.71
C ARG B 452 -18.85 27.31 8.04
N ASP B 453 -19.38 28.41 8.58
CA ASP B 453 -18.53 29.50 9.03
C ASP B 453 -17.52 29.01 10.05
N LEU B 454 -17.95 28.12 10.94
CA LEU B 454 -17.09 27.67 12.02
C LEU B 454 -15.92 26.83 11.51
N THR B 455 -16.11 26.10 10.41
CA THR B 455 -15.03 25.24 9.93
C THR B 455 -13.88 26.02 9.32
N LYS B 456 -14.07 27.30 9.01
CA LYS B 456 -12.94 28.15 8.65
C LYS B 456 -12.03 28.43 9.85
N GLN B 457 -12.57 28.40 11.06
CA GLN B 457 -11.82 28.70 12.27
C GLN B 457 -11.24 27.46 12.93
N LYS B 458 -11.98 26.35 12.93
CA LYS B 458 -11.55 25.10 13.55
C LYS B 458 -11.69 23.97 12.56
N LYS B 459 -10.84 22.95 12.70
CA LYS B 459 -10.81 21.86 11.74
C LYS B 459 -11.79 20.75 12.09
N ARG B 460 -11.97 20.46 13.38
CA ARG B 460 -12.91 19.45 13.84
C ARG B 460 -13.95 20.10 14.72
N VAL B 461 -15.21 19.98 14.32
CA VAL B 461 -16.33 20.52 15.08
C VAL B 461 -16.78 19.47 16.07
N THR B 462 -16.66 19.78 17.36
CA THR B 462 -17.00 18.83 18.40
C THR B 462 -18.49 18.87 18.70
N ASP B 463 -18.95 17.83 19.40
CA ASP B 463 -20.31 17.84 19.97
C ASP B 463 -20.57 19.15 20.69
N ASP B 464 -19.65 19.59 21.54
CA ASP B 464 -19.87 20.82 22.29
C ASP B 464 -19.95 22.03 21.37
N ASP B 465 -19.08 22.07 20.34
CA ASP B 465 -19.21 23.13 19.34
C ASP B 465 -20.59 23.12 18.72
N LEU B 466 -21.10 21.93 18.39
CA LEU B 466 -22.39 21.82 17.75
C LEU B 466 -23.50 22.30 18.67
N LYS B 467 -23.39 22.00 19.97
CA LYS B 467 -24.40 22.45 20.92
C LYS B 467 -24.42 23.97 21.06
N ALA B 468 -23.25 24.62 20.97
CA ALA B 468 -23.22 26.07 21.09
C ALA B 468 -23.83 26.75 19.89
N LEU B 469 -23.69 26.16 18.70
CA LEU B 469 -24.32 26.72 17.50
C LEU B 469 -25.83 26.79 17.68
N VAL B 470 -26.43 25.71 18.17
CA VAL B 470 -27.86 25.74 18.44
C VAL B 470 -28.16 26.66 19.63
N THR B 471 -27.46 26.46 20.75
CA THR B 471 -27.79 27.16 21.99
C THR B 471 -27.47 28.65 21.91
N CYS B 472 -26.44 29.04 21.17
CA CYS B 472 -26.05 30.45 21.07
C CYS B 472 -26.41 31.08 19.71
MN MN C . -12.64 8.54 -5.14
MN MN D . 5.37 31.49 -18.65
C1 KMT E . -15.09 7.92 -6.42
O1 KMT E . -16.07 7.25 -6.81
O2 KMT E . -14.18 7.44 -5.72
C2 KMT E . -14.98 9.36 -6.80
O5 KMT E . -14.17 10.06 -6.19
C3 KMT E . -15.81 9.86 -7.95
C4 KMT E . -14.86 10.35 -9.00
S1 KMT E . -14.82 9.31 -10.45
C5 KMT E . -14.17 10.29 -11.78
N1A COA F . 24.64 -17.10 2.83
C2A COA F . 25.96 -17.07 3.18
N3A COA F . 26.59 -15.89 3.44
C4A COA F . 25.88 -14.72 3.36
C5A COA F . 24.57 -14.74 3.01
C6A COA F . 23.95 -15.95 2.75
N6A COA F . 22.73 -16.58 2.36
N7A COA F . 24.10 -13.47 2.99
C8A COA F . 25.13 -12.66 3.33
N9A COA F . 26.23 -13.41 3.55
C1B COA F . 27.52 -12.98 3.95
C2B COA F . 27.81 -11.79 3.48
O2B COA F . 28.52 -11.87 2.22
C3B COA F . 28.87 -11.26 4.58
O3B COA F . 29.99 -12.14 4.54
P3B COA F . 31.29 -11.92 3.60
O7A COA F . 31.53 -10.46 3.22
O8A COA F . 31.11 -12.72 2.32
O9A COA F . 32.47 -12.46 4.38
C4B COA F . 28.21 -11.44 5.75
O4B COA F . 27.41 -12.70 5.52
C5B COA F . 27.27 -10.27 6.06
O5B COA F . 28.01 -9.15 6.56
P1A COA F . 28.02 -8.85 8.14
O1A COA F . 26.62 -8.76 8.70
O2A COA F . 28.74 -7.53 8.32
O3A COA F . 28.75 -10.09 8.82
P2A COA F . 28.86 -10.42 10.36
O4A COA F . 29.65 -11.69 10.56
O5A COA F . 29.49 -9.24 11.08
O6A COA F . 27.40 -10.64 11.02
CBP COA F . 25.26 -11.45 11.28
CCP COA F . 26.48 -11.51 10.38
CDP COA F . 25.66 -11.87 12.73
CEP COA F . 24.21 -12.43 10.70
CAP COA F . 24.71 -9.96 11.31
OAP COA F . 24.51 -9.48 10.01
C9P COA F . 23.41 -9.91 12.01
O9P COA F . 23.34 -9.99 13.20
N8P COA F . 22.20 -9.79 11.21
C7P COA F . 20.85 -9.74 11.81
C6P COA F . 19.86 -9.22 10.72
C5P COA F . 20.45 -9.53 9.31
O5P COA F . 21.61 -9.30 9.05
N4P COA F . 19.67 -10.10 8.28
C3P COA F . 18.34 -10.41 8.48
C2P COA F . 17.83 -10.90 7.11
S1P COA F . 18.05 -12.67 7.17
MN MN G . 12.27 -10.18 3.29
C1 KMT H . 14.10 -11.46 1.75
O1 KMT H . 13.32 -10.47 1.63
O2 KMT H . 14.75 -11.91 0.76
C2 KMT H . 14.26 -12.14 3.08
O5 KMT H . 13.60 -11.80 4.04
C3 KMT H . 15.24 -13.28 3.19
C4 KMT H . 14.47 -14.54 3.50
S1 KMT H . 13.14 -14.86 2.36
C5 KMT H . 12.70 -16.57 2.47
N1A COA I . -25.54 12.54 -8.16
C2A COA I . -26.70 13.16 -7.78
N3A COA I . -27.05 13.24 -6.46
C4A COA I . -26.26 12.71 -5.50
C5A COA I . -25.12 12.09 -5.88
C6A COA I . -24.76 12.02 -7.20
N6A COA I . -23.75 11.54 -8.09
N7A COA I . -24.47 11.63 -4.80
C8A COA I . -25.22 11.95 -3.73
N9A COA I . -26.32 12.61 -4.14
C1B COA I . -27.33 13.11 -3.28
C2B COA I . -27.55 12.29 -2.26
O2B COA I . -28.44 11.19 -2.57
C3B COA I . -28.26 13.27 -1.19
O3B COA I . -29.44 13.86 -1.70
P3B COA I . -30.86 13.23 -1.34
O7A COA I . -30.81 12.50 -0.02
O8A COA I . -31.17 12.22 -2.41
O9A COA I . -31.85 14.36 -1.38
C4B COA I . -27.35 14.26 -1.09
O4B COA I . -26.65 14.29 -2.46
C5B COA I . -26.53 13.76 0.06
O5B COA I . -25.57 14.66 0.48
P1A COA I . -25.72 15.69 1.68
O1A COA I . -24.26 16.10 1.85
O2A COA I . -26.23 15.24 3.01
O3A COA I . -26.58 16.87 1.08
P2A COA I . -26.31 18.38 1.17
O4A COA I . -27.29 19.07 0.25
O5A COA I . -26.48 18.84 2.61
O6A COA I . -24.77 18.75 0.75
CBP COA I . -22.89 19.04 -0.62
CCP COA I . -24.29 18.39 -0.56
CDP COA I . -23.04 20.57 -0.46
CEP COA I . -22.23 18.71 -1.97
CAP COA I . -22.03 18.47 0.59
OAP COA I . -22.15 17.09 0.67
C9P COA I . -20.62 18.83 0.41
O9P COA I . -20.25 19.94 0.62
N8P COA I . -19.65 17.81 -0.01
C7P COA I . -18.21 18.07 -0.20
C6P COA I . -17.49 16.67 -0.32
C5P COA I . -18.57 15.58 -0.53
O5P COA I . -19.62 15.63 0.09
N4P COA I . -18.41 14.48 -1.42
C3P COA I . -17.25 14.31 -2.17
C2P COA I . -17.62 13.41 -3.39
S1P COA I . -17.42 14.49 -4.80
#